data_3T7S
#
_entry.id   3T7S
#
_cell.length_a   73.419
_cell.length_b   106.648
_cell.length_c   133.004
_cell.angle_alpha   90.00
_cell.angle_beta   90.00
_cell.angle_gamma   90.00
#
_symmetry.space_group_name_H-M   'P 21 21 21'
#
loop_
_entity.id
_entity.type
_entity.pdbx_description
1 polymer 'Putative methyltransferase'
2 non-polymer S-ADENOSYLMETHIONINE
3 water water
#
_entity_poly.entity_id   1
_entity_poly.type   'polypeptide(L)'
_entity_poly.pdbx_seq_one_letter_code
;MHHHHHHNNDNNTILGFDVNLICDFFLNTERQGPGSPEVTLKALSFIDNLTNKSLIADLGCGTGGQTMILAQHVPGKITG
IDFFPGFIERFNKNAEKLNLQNRVKGIVGSMDDLSFEKDSLDLIWSEGAIYNIGFERGLKEWRNYLKPGGYLAVSESVWF
TDQRPAEIHDFWMSAYTEIDTVPNKVAQIQKAGYIPVATFILPENCWIEHYFAPQAKAEEIFRRKHAGSRIVEELITSNH
HEAELYSKYKAYYGYAFFICKKGFSLRR
;
_entity_poly.pdbx_strand_id   A,B,C,D
#
# COMPACT_ATOMS: atom_id res chain seq x y z
N ASN A 20 -3.70 -15.22 -33.29
CA ASN A 20 -5.09 -15.66 -33.60
C ASN A 20 -5.77 -16.05 -32.28
N LEU A 21 -5.68 -17.34 -31.93
CA LEU A 21 -6.27 -17.83 -30.68
C LEU A 21 -5.39 -17.47 -29.48
N ILE A 22 -4.16 -17.05 -29.76
CA ILE A 22 -3.22 -16.69 -28.70
C ILE A 22 -3.68 -15.43 -27.97
N CYS A 23 -4.11 -14.42 -28.73
CA CYS A 23 -4.59 -13.20 -28.10
C CYS A 23 -5.64 -13.58 -27.07
N ASP A 24 -6.56 -14.45 -27.47
CA ASP A 24 -7.63 -14.91 -26.61
C ASP A 24 -7.14 -15.45 -25.29
N PHE A 25 -6.05 -16.22 -25.34
CA PHE A 25 -5.54 -16.76 -24.09
C PHE A 25 -5.08 -15.65 -23.16
N PHE A 26 -4.37 -14.68 -23.72
CA PHE A 26 -3.82 -13.57 -22.98
C PHE A 26 -4.81 -12.47 -22.59
N LEU A 27 -6.01 -12.56 -23.12
CA LEU A 27 -7.04 -11.60 -22.78
C LEU A 27 -7.54 -11.96 -21.38
N ASN A 28 -7.26 -13.20 -20.96
CA ASN A 28 -7.66 -13.68 -19.64
C ASN A 28 -6.68 -13.35 -18.52
N THR A 29 -5.71 -12.47 -18.79
CA THR A 29 -4.74 -12.08 -17.78
C THR A 29 -4.61 -10.57 -17.70
N GLU A 30 -4.25 -10.06 -16.53
CA GLU A 30 -4.13 -8.63 -16.34
C GLU A 30 -2.88 -8.11 -17.06
N ARG A 31 -1.93 -9.02 -17.33
CA ARG A 31 -0.69 -8.64 -18.03
C ARG A 31 -0.11 -9.79 -18.86
N GLN A 32 0.47 -9.45 -20.01
CA GLN A 32 1.05 -10.47 -20.89
C GLN A 32 2.56 -10.65 -20.76
N GLY A 33 3.15 -10.08 -19.71
CA GLY A 33 4.59 -10.22 -19.52
C GLY A 33 4.96 -9.95 -18.08
N PRO A 34 6.19 -10.26 -17.65
CA PRO A 34 6.63 -10.02 -16.27
C PRO A 34 6.52 -8.56 -15.85
N GLY A 35 6.01 -8.33 -14.65
CA GLY A 35 5.85 -6.97 -14.15
C GLY A 35 4.95 -6.92 -12.93
N SER A 36 4.67 -5.71 -12.46
CA SER A 36 3.80 -5.56 -11.30
C SER A 36 3.54 -4.07 -11.11
N PRO A 37 2.44 -3.72 -10.42
CA PRO A 37 2.12 -2.30 -10.18
C PRO A 37 3.30 -1.54 -9.56
N GLU A 38 3.89 -2.12 -8.50
CA GLU A 38 5.02 -1.48 -7.83
C GLU A 38 6.20 -1.19 -8.75
N VAL A 39 6.49 -2.12 -9.65
CA VAL A 39 7.60 -1.97 -10.57
C VAL A 39 7.33 -0.85 -11.57
N THR A 40 6.10 -0.78 -12.07
CA THR A 40 5.76 0.29 -13.02
C THR A 40 5.88 1.65 -12.33
N LEU A 41 5.41 1.77 -11.10
CA LEU A 41 5.51 3.05 -10.38
C LEU A 41 6.95 3.37 -9.95
N LYS A 42 7.72 2.34 -9.62
CA LYS A 42 9.12 2.56 -9.23
C LYS A 42 9.88 3.15 -10.42
N ALA A 43 9.60 2.64 -11.61
CA ALA A 43 10.22 3.15 -12.83
C ALA A 43 9.74 4.60 -13.06
N LEU A 44 8.45 4.84 -12.84
CA LEU A 44 7.89 6.17 -13.02
C LEU A 44 8.54 7.19 -12.06
N SER A 45 8.92 6.72 -10.88
CA SER A 45 9.52 7.58 -9.87
C SER A 45 10.81 8.25 -10.34
N PHE A 46 11.35 7.79 -11.46
CA PHE A 46 12.57 8.37 -12.01
C PHE A 46 12.27 9.37 -13.14
N ILE A 47 10.99 9.55 -13.48
CA ILE A 47 10.59 10.48 -14.53
C ILE A 47 9.98 11.78 -13.96
N ASP A 48 10.65 12.91 -14.13
CA ASP A 48 10.14 14.17 -13.59
C ASP A 48 10.00 15.33 -14.59
N ASN A 49 9.36 15.11 -15.73
CA ASN A 49 9.21 16.19 -16.71
C ASN A 49 7.77 16.25 -17.22
N LEU A 50 6.91 15.44 -16.60
CA LEU A 50 5.51 15.35 -17.02
C LEU A 50 4.54 16.38 -16.45
N THR A 51 3.63 16.83 -17.30
CA THR A 51 2.57 17.79 -16.96
C THR A 51 1.38 17.38 -17.80
N ASN A 52 0.24 18.02 -17.58
CA ASN A 52 -0.97 17.70 -18.33
C ASN A 52 -0.85 18.04 -19.81
N LYS A 53 0.33 18.48 -20.22
CA LYS A 53 0.58 18.82 -21.62
C LYS A 53 1.50 17.78 -22.24
N SER A 54 1.99 16.86 -21.42
CA SER A 54 2.91 15.82 -21.87
C SER A 54 2.29 14.80 -22.81
N LEU A 55 3.08 14.37 -23.80
CA LEU A 55 2.62 13.36 -24.75
C LEU A 55 3.35 12.06 -24.45
N ILE A 56 2.59 11.02 -24.14
CA ILE A 56 3.17 9.72 -23.78
C ILE A 56 2.73 8.61 -24.72
N ALA A 57 3.65 7.69 -24.99
CA ALA A 57 3.35 6.55 -25.84
C ALA A 57 3.80 5.28 -25.11
N ASP A 58 2.98 4.24 -25.20
CA ASP A 58 3.32 2.97 -24.58
C ASP A 58 3.38 1.95 -25.72
N LEU A 59 4.61 1.58 -26.09
CA LEU A 59 4.79 0.64 -27.20
C LEU A 59 4.64 -0.81 -26.76
N GLY A 60 3.83 -1.57 -27.48
CA GLY A 60 3.59 -2.96 -27.14
C GLY A 60 2.88 -3.06 -25.81
N CYS A 61 1.83 -2.26 -25.67
CA CYS A 61 1.04 -2.16 -24.45
C CYS A 61 0.17 -3.33 -24.03
N GLY A 62 -0.08 -4.27 -24.93
CA GLY A 62 -0.94 -5.40 -24.58
C GLY A 62 -2.32 -4.90 -24.20
N THR A 63 -2.94 -5.53 -23.21
CA THR A 63 -4.28 -5.12 -22.77
C THR A 63 -4.24 -3.78 -22.06
N GLY A 64 -3.04 -3.28 -21.77
CA GLY A 64 -2.91 -1.99 -21.11
C GLY A 64 -2.88 -2.00 -19.59
N GLY A 65 -2.57 -3.13 -18.99
CA GLY A 65 -2.52 -3.20 -17.54
C GLY A 65 -1.60 -2.13 -16.95
N GLN A 66 -0.35 -2.11 -17.40
CA GLN A 66 0.61 -1.13 -16.91
C GLN A 66 0.28 0.28 -17.37
N THR A 67 -0.40 0.40 -18.52
CA THR A 67 -0.75 1.71 -19.05
C THR A 67 -1.78 2.43 -18.18
N MET A 68 -2.78 1.69 -17.70
CA MET A 68 -3.81 2.29 -16.86
C MET A 68 -3.19 2.65 -15.52
N ILE A 69 -2.27 1.83 -15.01
CA ILE A 69 -1.60 2.11 -13.74
C ILE A 69 -0.83 3.41 -13.92
N LEU A 70 -0.14 3.52 -15.05
CA LEU A 70 0.62 4.71 -15.36
C LEU A 70 -0.30 5.94 -15.46
N ALA A 71 -1.42 5.78 -16.17
CA ALA A 71 -2.35 6.89 -16.39
C ALA A 71 -2.96 7.46 -15.11
N GLN A 72 -3.07 6.64 -14.08
CA GLN A 72 -3.65 7.09 -12.83
C GLN A 72 -2.65 7.87 -11.96
N HIS A 73 -1.40 7.94 -12.38
CA HIS A 73 -0.40 8.62 -11.59
C HIS A 73 0.35 9.73 -12.32
N VAL A 74 0.10 9.88 -13.61
CA VAL A 74 0.78 10.93 -14.34
C VAL A 74 -0.21 11.66 -15.23
N PRO A 75 -0.07 12.98 -15.35
CA PRO A 75 -0.94 13.82 -16.18
C PRO A 75 -0.42 13.71 -17.61
N GLY A 76 -1.23 14.11 -18.58
CA GLY A 76 -0.79 14.04 -19.96
C GLY A 76 -1.57 13.01 -20.74
N LYS A 77 -1.41 13.01 -22.05
CA LYS A 77 -2.11 12.07 -22.90
C LYS A 77 -1.23 10.90 -23.24
N ILE A 78 -1.84 9.72 -23.26
CA ILE A 78 -1.10 8.50 -23.54
C ILE A 78 -1.68 7.75 -24.72
N THR A 79 -0.79 7.38 -25.64
CA THR A 79 -1.21 6.59 -26.78
C THR A 79 -0.60 5.21 -26.60
N GLY A 80 -1.45 4.19 -26.52
CA GLY A 80 -0.98 2.84 -26.38
C GLY A 80 -0.96 2.25 -27.78
N ILE A 81 0.13 1.60 -28.15
CA ILE A 81 0.25 1.01 -29.48
C ILE A 81 0.54 -0.49 -29.39
N ASP A 82 -0.28 -1.29 -30.07
CA ASP A 82 -0.06 -2.72 -30.06
C ASP A 82 -0.50 -3.40 -31.36
N PHE A 83 0.26 -4.42 -31.76
CA PHE A 83 0.05 -5.21 -32.96
C PHE A 83 -1.27 -5.98 -32.99
N PHE A 84 -1.66 -6.59 -31.87
CA PHE A 84 -2.90 -7.35 -31.85
C PHE A 84 -4.16 -6.51 -31.58
N PRO A 85 -5.09 -6.49 -32.55
CA PRO A 85 -6.34 -5.73 -32.43
C PRO A 85 -7.11 -6.17 -31.21
N GLY A 86 -7.02 -7.46 -30.90
CA GLY A 86 -7.70 -8.02 -29.75
C GLY A 86 -7.33 -7.36 -28.44
N PHE A 87 -6.06 -6.98 -28.32
CA PHE A 87 -5.57 -6.32 -27.11
C PHE A 87 -6.01 -4.85 -27.06
N ILE A 88 -5.99 -4.20 -28.22
CA ILE A 88 -6.36 -2.79 -28.27
C ILE A 88 -7.83 -2.58 -27.91
N GLU A 89 -8.68 -3.53 -28.31
CA GLU A 89 -10.09 -3.41 -28.00
C GLU A 89 -10.28 -3.52 -26.50
N ARG A 90 -9.53 -4.42 -25.88
CA ARG A 90 -9.60 -4.62 -24.45
C ARG A 90 -9.09 -3.38 -23.73
N PHE A 91 -8.07 -2.77 -24.31
CA PHE A 91 -7.42 -1.56 -23.80
C PHE A 91 -8.41 -0.39 -23.81
N ASN A 92 -9.15 -0.26 -24.90
CA ASN A 92 -10.10 0.84 -24.99
C ASN A 92 -11.33 0.65 -24.11
N LYS A 93 -11.77 -0.59 -23.94
CA LYS A 93 -12.93 -0.88 -23.11
C LYS A 93 -12.59 -0.62 -21.66
N ASN A 94 -11.39 -1.03 -21.25
CA ASN A 94 -10.94 -0.83 -19.87
C ASN A 94 -10.79 0.64 -19.59
N ALA A 95 -10.28 1.36 -20.58
CA ALA A 95 -10.07 2.79 -20.47
C ALA A 95 -11.40 3.48 -20.18
N GLU A 96 -12.48 2.99 -20.80
CA GLU A 96 -13.79 3.58 -20.61
C GLU A 96 -14.34 3.31 -19.23
N LYS A 97 -14.33 2.05 -18.80
CA LYS A 97 -14.81 1.71 -17.47
C LYS A 97 -14.12 2.60 -16.44
N LEU A 98 -12.95 3.12 -16.80
CA LEU A 98 -12.17 3.96 -15.91
C LEU A 98 -12.31 5.46 -16.21
N ASN A 99 -13.03 5.78 -17.28
CA ASN A 99 -13.24 7.18 -17.67
C ASN A 99 -11.91 7.87 -18.00
N LEU A 100 -11.12 7.23 -18.86
CA LEU A 100 -9.83 7.73 -19.29
C LEU A 100 -9.75 7.77 -20.80
N GLN A 101 -10.87 7.51 -21.47
CA GLN A 101 -10.88 7.50 -22.92
C GLN A 101 -10.57 8.87 -23.56
N ASN A 102 -10.61 9.92 -22.76
CA ASN A 102 -10.30 11.26 -23.26
C ASN A 102 -8.78 11.52 -23.33
N ARG A 103 -8.02 10.86 -22.45
CA ARG A 103 -6.57 11.05 -22.42
C ARG A 103 -5.75 9.77 -22.59
N VAL A 104 -6.44 8.65 -22.74
CA VAL A 104 -5.79 7.36 -22.92
C VAL A 104 -6.52 6.58 -24.00
N LYS A 105 -5.84 6.33 -25.12
CA LYS A 105 -6.47 5.58 -26.19
C LYS A 105 -5.55 4.58 -26.88
N GLY A 106 -6.07 3.37 -27.08
CA GLY A 106 -5.31 2.31 -27.72
C GLY A 106 -5.37 2.36 -29.23
N ILE A 107 -4.27 2.04 -29.89
CA ILE A 107 -4.15 2.06 -31.35
C ILE A 107 -3.39 0.83 -31.87
N VAL A 108 -3.96 0.14 -32.85
CA VAL A 108 -3.31 -1.03 -33.43
C VAL A 108 -2.24 -0.56 -34.40
N GLY A 109 -0.98 -0.87 -34.10
CA GLY A 109 0.13 -0.49 -34.96
C GLY A 109 1.37 -1.29 -34.63
N SER A 110 2.52 -0.89 -35.19
CA SER A 110 3.77 -1.60 -34.93
C SER A 110 4.85 -0.63 -34.53
N MET A 111 5.63 -1.00 -33.52
CA MET A 111 6.71 -0.18 -33.01
C MET A 111 7.83 0.08 -34.02
N ASP A 112 7.86 -0.69 -35.10
CA ASP A 112 8.91 -0.49 -36.11
C ASP A 112 8.36 0.32 -37.30
N ASP A 113 7.14 0.81 -37.14
CA ASP A 113 6.50 1.58 -38.19
C ASP A 113 5.56 2.62 -37.57
N LEU A 114 6.13 3.54 -36.78
CA LEU A 114 5.34 4.57 -36.12
C LEU A 114 5.11 5.81 -36.97
N SER A 115 4.03 6.53 -36.68
CA SER A 115 3.71 7.74 -37.43
C SER A 115 3.70 8.95 -36.51
N PHE A 116 4.35 8.82 -35.35
CA PHE A 116 4.42 9.94 -34.40
C PHE A 116 5.26 11.09 -34.97
N GLU A 117 4.84 12.31 -34.67
CA GLU A 117 5.57 13.49 -35.11
C GLU A 117 6.96 13.35 -34.51
N LYS A 118 7.98 13.81 -35.22
CA LYS A 118 9.35 13.70 -34.75
C LYS A 118 9.61 14.59 -33.54
N ASP A 119 10.44 14.12 -32.62
CA ASP A 119 10.79 14.87 -31.41
C ASP A 119 9.55 15.45 -30.73
N SER A 120 8.50 14.65 -30.60
CA SER A 120 7.27 15.16 -30.03
C SER A 120 6.82 14.52 -28.73
N LEU A 121 7.44 13.42 -28.35
CA LEU A 121 7.02 12.76 -27.13
C LEU A 121 7.91 13.08 -25.93
N ASP A 122 7.31 13.16 -24.75
CA ASP A 122 8.07 13.45 -23.54
C ASP A 122 8.54 12.13 -22.92
N LEU A 123 7.74 11.08 -23.14
CA LEU A 123 8.04 9.76 -22.61
C LEU A 123 7.57 8.60 -23.49
N ILE A 124 8.43 7.59 -23.65
CA ILE A 124 8.09 6.39 -24.41
C ILE A 124 8.22 5.24 -23.42
N TRP A 125 7.12 4.57 -23.16
CA TRP A 125 7.06 3.45 -22.22
C TRP A 125 6.98 2.14 -22.99
N SER A 126 7.62 1.11 -22.46
CA SER A 126 7.52 -0.19 -23.08
C SER A 126 8.01 -1.29 -22.16
N GLU A 127 7.06 -2.06 -21.66
CA GLU A 127 7.37 -3.14 -20.76
C GLU A 127 7.26 -4.48 -21.46
N GLY A 128 8.36 -5.23 -21.42
CA GLY A 128 8.41 -6.54 -22.02
C GLY A 128 7.97 -6.58 -23.46
N ALA A 129 8.28 -5.55 -24.24
CA ALA A 129 7.88 -5.54 -25.63
C ALA A 129 8.97 -5.07 -26.61
N ILE A 130 10.07 -4.54 -26.10
CA ILE A 130 11.12 -4.06 -27.00
C ILE A 130 11.87 -5.17 -27.75
N TYR A 131 11.82 -6.39 -27.24
CA TYR A 131 12.50 -7.50 -27.89
C TYR A 131 11.93 -7.77 -29.30
N ASN A 132 10.69 -7.36 -29.53
CA ASN A 132 10.06 -7.58 -30.84
C ASN A 132 10.77 -6.79 -31.93
N ILE A 133 11.49 -5.75 -31.53
CA ILE A 133 12.22 -4.91 -32.50
C ILE A 133 13.71 -4.87 -32.21
N GLY A 134 14.11 -5.44 -31.06
CA GLY A 134 15.51 -5.43 -30.69
C GLY A 134 15.82 -4.22 -29.85
N PHE A 135 16.60 -4.43 -28.78
CA PHE A 135 16.97 -3.37 -27.84
C PHE A 135 17.68 -2.19 -28.48
N GLU A 136 18.86 -2.45 -29.06
CA GLU A 136 19.66 -1.42 -29.72
C GLU A 136 18.88 -0.75 -30.85
N ARG A 137 18.06 -1.53 -31.58
CA ARG A 137 17.28 -0.96 -32.66
C ARG A 137 16.19 -0.04 -32.07
N GLY A 138 15.57 -0.49 -30.99
CA GLY A 138 14.54 0.33 -30.35
C GLY A 138 15.13 1.63 -29.85
N LEU A 139 16.28 1.54 -29.20
CA LEU A 139 16.95 2.72 -28.69
C LEU A 139 17.17 3.76 -29.80
N LYS A 140 17.72 3.26 -30.91
CA LYS A 140 18.04 4.11 -32.05
C LYS A 140 16.81 4.72 -32.71
N GLU A 141 15.84 3.88 -33.06
CA GLU A 141 14.65 4.36 -33.72
C GLU A 141 13.68 5.21 -32.91
N TRP A 142 13.41 4.82 -31.68
CA TRP A 142 12.46 5.60 -30.87
C TRP A 142 13.04 6.94 -30.43
N ARG A 143 14.35 7.07 -30.50
CA ARG A 143 14.99 8.32 -30.11
C ARG A 143 14.52 9.48 -30.98
N ASN A 144 14.18 9.16 -32.24
CA ASN A 144 13.74 10.18 -33.20
C ASN A 144 12.32 10.70 -32.91
N TYR A 145 11.59 10.02 -32.05
CA TYR A 145 10.23 10.44 -31.72
C TYR A 145 10.15 11.17 -30.37
N LEU A 146 11.30 11.27 -29.70
CA LEU A 146 11.37 11.91 -28.39
C LEU A 146 11.91 13.31 -28.41
N LYS A 147 11.26 14.19 -27.63
CA LYS A 147 11.72 15.56 -27.51
C LYS A 147 13.07 15.48 -26.81
N PRO A 148 14.02 16.37 -27.14
CA PRO A 148 15.32 16.29 -26.45
C PRO A 148 15.04 16.41 -24.94
N GLY A 149 15.68 15.57 -24.14
CA GLY A 149 15.42 15.61 -22.72
C GLY A 149 14.21 14.75 -22.36
N GLY A 150 13.62 14.10 -23.36
CA GLY A 150 12.49 13.25 -23.11
C GLY A 150 12.97 11.97 -22.47
N TYR A 151 12.06 11.10 -22.03
CA TYR A 151 12.41 9.85 -21.38
C TYR A 151 12.02 8.54 -22.08
N LEU A 152 12.87 7.54 -21.94
CA LEU A 152 12.59 6.22 -22.49
C LEU A 152 12.68 5.25 -21.32
N ALA A 153 11.59 4.54 -21.04
CA ALA A 153 11.55 3.57 -19.95
C ALA A 153 11.11 2.22 -20.51
N VAL A 154 12.00 1.24 -20.42
CA VAL A 154 11.71 -0.08 -20.97
C VAL A 154 12.18 -1.18 -20.07
N SER A 155 11.40 -2.26 -20.00
CA SER A 155 11.83 -3.41 -19.22
C SER A 155 12.31 -4.41 -20.27
N GLU A 156 13.46 -5.03 -20.02
CA GLU A 156 14.05 -5.96 -20.96
C GLU A 156 14.69 -7.15 -20.28
N SER A 157 14.76 -8.28 -20.98
CA SER A 157 15.37 -9.49 -20.43
C SER A 157 16.89 -9.27 -20.34
N VAL A 158 17.50 -9.74 -19.25
CA VAL A 158 18.93 -9.55 -19.08
C VAL A 158 19.58 -10.77 -18.39
N TRP A 159 20.90 -10.86 -18.51
CA TRP A 159 21.66 -11.91 -17.84
C TRP A 159 22.12 -11.24 -16.54
N PHE A 160 22.05 -11.94 -15.43
CA PHE A 160 22.50 -11.36 -14.17
C PHE A 160 24.01 -11.54 -14.00
N THR A 161 24.60 -12.46 -14.77
CA THR A 161 26.04 -12.72 -14.69
C THR A 161 26.73 -12.89 -16.06
N ASP A 162 28.02 -13.20 -16.04
CA ASP A 162 28.79 -13.37 -17.26
C ASP A 162 28.81 -14.81 -17.74
N GLN A 163 28.49 -15.74 -16.84
CA GLN A 163 28.48 -17.15 -17.18
C GLN A 163 27.11 -17.75 -16.87
N ARG A 164 26.64 -18.67 -17.71
CA ARG A 164 25.35 -19.30 -17.46
C ARG A 164 25.33 -20.71 -18.01
N PRO A 165 24.47 -21.58 -17.45
CA PRO A 165 24.34 -22.97 -17.90
C PRO A 165 23.83 -22.98 -19.34
N ALA A 166 24.17 -24.03 -20.08
CA ALA A 166 23.76 -24.15 -21.47
C ALA A 166 22.24 -24.23 -21.69
N GLU A 167 21.57 -25.09 -20.93
CA GLU A 167 20.14 -25.22 -21.08
C GLU A 167 19.42 -23.87 -21.20
N ILE A 168 19.70 -22.97 -20.26
CA ILE A 168 19.06 -21.66 -20.29
C ILE A 168 19.59 -20.78 -21.40
N HIS A 169 20.91 -20.77 -21.58
CA HIS A 169 21.50 -19.96 -22.62
C HIS A 169 20.96 -20.27 -24.02
N ASP A 170 20.79 -21.56 -24.31
CA ASP A 170 20.30 -21.98 -25.63
C ASP A 170 18.82 -21.60 -25.78
N PHE A 171 18.05 -21.79 -24.71
CA PHE A 171 16.65 -21.45 -24.75
C PHE A 171 16.51 -20.02 -25.24
N TRP A 172 17.29 -19.12 -24.65
CA TRP A 172 17.24 -17.71 -25.01
C TRP A 172 17.72 -17.33 -26.41
N MET A 173 18.62 -18.12 -26.98
CA MET A 173 19.11 -17.81 -28.32
C MET A 173 18.01 -18.13 -29.34
N SER A 174 17.11 -19.03 -28.94
CA SER A 174 16.02 -19.45 -29.82
C SER A 174 14.79 -18.57 -29.64
N ALA A 175 14.77 -17.80 -28.56
CA ALA A 175 13.66 -16.90 -28.30
C ALA A 175 14.05 -15.46 -28.59
N TYR A 176 15.05 -14.97 -27.86
CA TYR A 176 15.53 -13.60 -28.02
C TYR A 176 17.06 -13.56 -28.01
N THR A 177 17.66 -13.53 -29.20
CA THR A 177 19.11 -13.51 -29.33
C THR A 177 19.79 -12.29 -28.73
N GLU A 178 19.04 -11.21 -28.53
CA GLU A 178 19.60 -9.97 -28.01
C GLU A 178 19.62 -9.78 -26.49
N ILE A 179 19.30 -10.83 -25.74
CA ILE A 179 19.34 -10.73 -24.29
C ILE A 179 20.82 -10.47 -24.01
N ASP A 180 21.11 -9.73 -22.93
CA ASP A 180 22.49 -9.39 -22.61
C ASP A 180 22.58 -8.97 -21.14
N THR A 181 23.79 -8.84 -20.63
CA THR A 181 24.00 -8.43 -19.25
C THR A 181 23.60 -6.96 -19.07
N VAL A 182 23.39 -6.57 -17.82
CA VAL A 182 23.03 -5.20 -17.48
C VAL A 182 24.08 -4.18 -17.93
N PRO A 183 25.38 -4.49 -17.74
CA PRO A 183 26.44 -3.57 -18.15
C PRO A 183 26.39 -3.28 -19.65
N ASN A 184 26.27 -4.33 -20.46
CA ASN A 184 26.21 -4.13 -21.91
C ASN A 184 24.99 -3.29 -22.32
N LYS A 185 23.85 -3.58 -21.71
CA LYS A 185 22.63 -2.82 -22.05
C LYS A 185 22.86 -1.35 -21.73
N VAL A 186 23.47 -1.10 -20.58
CA VAL A 186 23.74 0.28 -20.14
C VAL A 186 24.70 1.00 -21.08
N ALA A 187 25.72 0.29 -21.56
CA ALA A 187 26.67 0.92 -22.47
C ALA A 187 25.98 1.22 -23.80
N GLN A 188 25.09 0.32 -24.24
CA GLN A 188 24.37 0.54 -25.50
C GLN A 188 23.44 1.75 -25.39
N ILE A 189 22.94 2.01 -24.19
CA ILE A 189 22.05 3.13 -23.96
C ILE A 189 22.80 4.43 -24.13
N GLN A 190 23.95 4.54 -23.47
CA GLN A 190 24.78 5.73 -23.57
C GLN A 190 25.21 5.90 -25.02
N LYS A 191 25.63 4.80 -25.64
CA LYS A 191 26.07 4.81 -27.03
C LYS A 191 25.00 5.34 -27.97
N ALA A 192 23.73 5.02 -27.68
CA ALA A 192 22.62 5.45 -28.49
C ALA A 192 22.30 6.93 -28.33
N GLY A 193 23.04 7.60 -27.45
CA GLY A 193 22.81 9.02 -27.24
C GLY A 193 21.83 9.38 -26.13
N TYR A 194 21.82 8.58 -25.07
CA TYR A 194 20.93 8.82 -23.91
C TYR A 194 21.76 8.83 -22.64
N ILE A 195 21.18 9.40 -21.59
CA ILE A 195 21.84 9.41 -20.30
C ILE A 195 21.15 8.26 -19.56
N PRO A 196 21.92 7.30 -19.03
CA PRO A 196 21.32 6.17 -18.30
C PRO A 196 20.92 6.57 -16.88
N VAL A 197 19.76 7.21 -16.79
CA VAL A 197 19.21 7.72 -15.53
C VAL A 197 18.96 6.73 -14.38
N ALA A 198 18.30 5.62 -14.66
CA ALA A 198 18.02 4.65 -13.60
C ALA A 198 17.91 3.26 -14.21
N THR A 199 18.42 2.26 -13.49
CA THR A 199 18.39 0.89 -13.95
C THR A 199 18.16 -0.05 -12.77
N PHE A 200 17.11 -0.87 -12.80
CA PHE A 200 16.89 -1.81 -11.73
C PHE A 200 16.31 -3.13 -12.19
N ILE A 201 16.67 -4.18 -11.46
CA ILE A 201 16.24 -5.55 -11.72
C ILE A 201 14.87 -5.78 -11.10
N LEU A 202 13.98 -6.45 -11.82
CA LEU A 202 12.66 -6.73 -11.31
C LEU A 202 12.70 -7.90 -10.31
N PRO A 203 11.88 -7.84 -9.24
CA PRO A 203 11.75 -8.85 -8.19
C PRO A 203 11.20 -10.12 -8.83
N GLU A 204 11.44 -11.27 -8.21
CA GLU A 204 10.96 -12.53 -8.78
C GLU A 204 9.44 -12.63 -8.78
N ASN A 205 8.79 -11.91 -7.87
CA ASN A 205 7.34 -11.96 -7.81
C ASN A 205 6.73 -11.36 -9.09
N CYS A 206 7.53 -10.66 -9.89
CA CYS A 206 7.04 -10.10 -11.14
C CYS A 206 6.84 -11.21 -12.15
N TRP A 207 7.57 -12.31 -11.95
CA TRP A 207 7.52 -13.49 -12.82
C TRP A 207 6.56 -14.54 -12.27
N ILE A 208 6.67 -14.81 -10.97
CA ILE A 208 5.84 -15.82 -10.33
C ILE A 208 4.43 -15.36 -9.98
N GLU A 209 4.31 -14.54 -8.94
CA GLU A 209 3.03 -14.01 -8.48
C GLU A 209 2.21 -13.26 -9.55
N HIS A 210 2.88 -12.41 -10.33
CA HIS A 210 2.20 -11.60 -11.33
C HIS A 210 2.18 -12.11 -12.77
N TYR A 211 2.99 -13.10 -13.08
CA TYR A 211 3.02 -13.59 -14.45
C TYR A 211 2.62 -15.07 -14.59
N PHE A 212 3.51 -15.96 -14.17
CA PHE A 212 3.25 -17.39 -14.28
C PHE A 212 2.06 -17.92 -13.49
N ALA A 213 1.90 -17.46 -12.25
CA ALA A 213 0.78 -17.94 -11.44
C ALA A 213 -0.55 -17.67 -12.14
N PRO A 214 -0.84 -16.41 -12.51
CA PRO A 214 -2.10 -16.08 -13.18
C PRO A 214 -2.36 -16.86 -14.48
N GLN A 215 -1.29 -17.32 -15.14
CA GLN A 215 -1.46 -18.10 -16.38
C GLN A 215 -2.09 -19.46 -16.09
N ALA A 216 -1.92 -19.95 -14.86
CA ALA A 216 -2.48 -21.23 -14.49
C ALA A 216 -3.99 -21.26 -14.58
N LYS A 217 -4.66 -20.37 -13.83
CA LYS A 217 -6.11 -20.29 -13.83
C LYS A 217 -6.63 -20.23 -15.25
N ALA A 218 -5.95 -19.42 -16.06
CA ALA A 218 -6.33 -19.24 -17.45
C ALA A 218 -6.31 -20.53 -18.28
N GLU A 219 -5.25 -21.33 -18.13
CA GLU A 219 -5.11 -22.59 -18.89
C GLU A 219 -6.28 -23.55 -18.74
N GLU A 220 -6.66 -23.84 -17.51
CA GLU A 220 -7.79 -24.74 -17.25
C GLU A 220 -8.97 -24.34 -18.15
N ILE A 221 -9.50 -23.15 -17.89
CA ILE A 221 -10.64 -22.59 -18.60
C ILE A 221 -10.42 -22.51 -20.11
N PHE A 222 -9.25 -22.02 -20.52
CA PHE A 222 -8.95 -21.87 -21.93
C PHE A 222 -8.92 -23.20 -22.68
N ARG A 223 -8.21 -24.17 -22.13
CA ARG A 223 -8.07 -25.49 -22.75
C ARG A 223 -9.40 -26.21 -22.95
N ARG A 224 -10.33 -26.11 -22.01
CA ARG A 224 -11.59 -26.80 -22.19
C ARG A 224 -12.45 -26.15 -23.26
N LYS A 225 -12.39 -24.83 -23.29
CA LYS A 225 -13.15 -24.03 -24.23
C LYS A 225 -12.70 -24.29 -25.66
N HIS A 226 -11.40 -24.48 -25.85
CA HIS A 226 -10.86 -24.74 -27.18
C HIS A 226 -10.36 -26.18 -27.31
N ALA A 227 -11.10 -27.10 -26.71
CA ALA A 227 -10.74 -28.50 -26.71
C ALA A 227 -10.42 -29.03 -28.10
N GLY A 228 -9.30 -29.71 -28.22
CA GLY A 228 -8.93 -30.28 -29.51
C GLY A 228 -8.06 -29.39 -30.36
N SER A 229 -7.91 -28.14 -29.94
CA SER A 229 -7.09 -27.18 -30.67
C SER A 229 -5.60 -27.43 -30.46
N ARG A 230 -4.92 -27.80 -31.54
CA ARG A 230 -3.48 -28.08 -31.51
C ARG A 230 -2.70 -26.85 -31.06
N ILE A 231 -3.11 -25.68 -31.54
CA ILE A 231 -2.47 -24.42 -31.20
C ILE A 231 -2.50 -24.17 -29.69
N VAL A 232 -3.70 -24.25 -29.12
CA VAL A 232 -3.89 -24.04 -27.70
C VAL A 232 -3.06 -25.00 -26.84
N GLU A 233 -3.04 -26.26 -27.24
CA GLU A 233 -2.30 -27.28 -26.49
C GLU A 233 -0.79 -26.99 -26.45
N GLU A 234 -0.23 -26.52 -27.56
CA GLU A 234 1.20 -26.22 -27.62
C GLU A 234 1.54 -24.92 -26.89
N LEU A 235 0.58 -24.02 -26.83
CA LEU A 235 0.78 -22.77 -26.12
C LEU A 235 0.96 -23.14 -24.64
N ILE A 236 0.08 -23.98 -24.13
CA ILE A 236 0.16 -24.39 -22.73
C ILE A 236 1.47 -25.12 -22.44
N THR A 237 1.92 -25.93 -23.39
CA THR A 237 3.18 -26.65 -23.18
C THR A 237 4.31 -25.64 -23.12
N SER A 238 4.25 -24.65 -24.00
CA SER A 238 5.26 -23.60 -24.07
C SER A 238 5.32 -22.77 -22.78
N ASN A 239 4.17 -22.53 -22.17
CA ASN A 239 4.09 -21.77 -20.92
C ASN A 239 4.76 -22.52 -19.77
N HIS A 240 4.39 -23.79 -19.60
CA HIS A 240 4.95 -24.62 -18.54
C HIS A 240 6.46 -24.73 -18.68
N HIS A 241 6.93 -24.88 -19.91
CA HIS A 241 8.36 -24.99 -20.17
C HIS A 241 9.06 -23.70 -19.72
N GLU A 242 8.56 -22.56 -20.18
CA GLU A 242 9.17 -21.30 -19.79
C GLU A 242 9.16 -21.16 -18.26
N ALA A 243 8.02 -21.45 -17.65
CA ALA A 243 7.91 -21.34 -16.21
C ALA A 243 8.90 -22.28 -15.52
N GLU A 244 8.99 -23.50 -16.05
CA GLU A 244 9.89 -24.50 -15.48
C GLU A 244 11.34 -24.05 -15.56
N LEU A 245 11.73 -23.48 -16.70
CA LEU A 245 13.09 -22.98 -16.89
C LEU A 245 13.41 -21.85 -15.91
N TYR A 246 12.46 -20.94 -15.70
CA TYR A 246 12.69 -19.81 -14.81
C TYR A 246 12.94 -20.23 -13.37
N SER A 247 12.05 -21.05 -12.83
CA SER A 247 12.22 -21.49 -11.44
C SER A 247 13.48 -22.33 -11.25
N LYS A 248 14.18 -22.61 -12.35
CA LYS A 248 15.41 -23.39 -12.30
C LYS A 248 16.65 -22.54 -12.58
N TYR A 249 16.49 -21.49 -13.38
CA TYR A 249 17.61 -20.63 -13.73
C TYR A 249 17.41 -19.14 -13.38
N LYS A 250 16.40 -18.86 -12.56
CA LYS A 250 16.06 -17.50 -12.13
C LYS A 250 17.25 -16.73 -11.58
N ALA A 251 18.23 -17.43 -11.04
CA ALA A 251 19.41 -16.76 -10.49
C ALA A 251 20.35 -16.26 -11.58
N TYR A 252 20.10 -16.66 -12.81
CA TYR A 252 20.96 -16.26 -13.92
C TYR A 252 20.37 -15.20 -14.84
N TYR A 253 19.06 -15.00 -14.78
CA TYR A 253 18.46 -14.02 -15.65
C TYR A 253 17.14 -13.49 -15.11
N GLY A 254 16.62 -12.49 -15.80
CA GLY A 254 15.37 -11.87 -15.40
C GLY A 254 15.14 -10.67 -16.28
N TYR A 255 14.39 -9.70 -15.77
CA TYR A 255 14.07 -8.47 -16.49
C TYR A 255 14.71 -7.32 -15.71
N ALA A 256 15.02 -6.24 -16.42
CA ALA A 256 15.58 -5.08 -15.78
C ALA A 256 14.87 -3.92 -16.44
N PHE A 257 14.60 -2.88 -15.66
CA PHE A 257 13.94 -1.70 -16.16
C PHE A 257 15.06 -0.73 -16.45
N PHE A 258 14.96 -0.02 -17.56
CA PHE A 258 15.95 0.96 -17.97
C PHE A 258 15.29 2.30 -18.29
N ILE A 259 15.65 3.33 -17.53
CA ILE A 259 15.09 4.66 -17.74
C ILE A 259 16.23 5.46 -18.36
N CYS A 260 15.98 6.06 -19.51
CA CYS A 260 17.00 6.81 -20.23
C CYS A 260 16.47 8.16 -20.69
N LYS A 261 17.32 9.18 -20.60
CA LYS A 261 16.95 10.52 -21.03
C LYS A 261 17.69 10.87 -22.33
N LYS A 262 16.92 11.25 -23.36
CA LYS A 262 17.51 11.62 -24.65
C LYS A 262 18.48 12.79 -24.49
N GLY A 263 19.71 12.58 -24.95
CA GLY A 263 20.76 13.59 -24.85
C GLY A 263 20.46 15.00 -25.34
N PHE A 264 21.46 15.86 -25.23
CA PHE A 264 21.31 17.26 -25.65
C PHE A 264 20.12 17.85 -24.90
N SER A 265 19.88 17.33 -23.69
CA SER A 265 18.78 17.76 -22.83
C SER A 265 17.71 18.57 -23.55
N ASN B 20 43.76 20.40 7.20
CA ASN B 20 42.77 19.53 7.92
C ASN B 20 41.62 20.32 8.57
N LEU B 21 41.72 21.66 8.52
CA LEU B 21 40.70 22.55 9.08
C LEU B 21 39.39 22.51 8.30
N ILE B 22 39.44 21.91 7.12
CA ILE B 22 38.29 21.79 6.24
C ILE B 22 37.18 21.00 6.94
N CYS B 23 37.58 20.03 7.76
CA CYS B 23 36.61 19.19 8.46
C CYS B 23 35.79 19.94 9.49
N ASP B 24 36.43 20.82 10.27
CA ASP B 24 35.73 21.60 11.28
C ASP B 24 34.60 22.41 10.64
N PHE B 25 34.80 22.77 9.39
CA PHE B 25 33.78 23.52 8.67
C PHE B 25 32.57 22.63 8.50
N PHE B 26 32.79 21.46 7.91
CA PHE B 26 31.72 20.50 7.65
C PHE B 26 31.02 19.98 8.90
N LEU B 27 31.67 20.13 10.05
CA LEU B 27 31.08 19.68 11.31
C LEU B 27 29.71 20.35 11.51
N ASN B 28 29.52 21.52 10.91
CA ASN B 28 28.28 22.27 11.03
C ASN B 28 27.33 22.10 9.84
N THR B 29 27.31 20.91 9.23
CA THR B 29 26.39 20.66 8.13
C THR B 29 25.69 19.35 8.39
N GLU B 30 24.54 19.20 7.75
CA GLU B 30 23.72 17.99 7.86
C GLU B 30 24.47 16.87 7.12
N ARG B 31 24.92 17.18 5.91
CA ARG B 31 25.64 16.20 5.09
C ARG B 31 26.96 16.76 4.61
N GLN B 32 27.92 15.87 4.37
CA GLN B 32 29.24 16.29 3.89
C GLN B 32 29.43 15.98 2.40
N GLY B 33 28.34 15.58 1.76
CA GLY B 33 28.39 15.29 0.33
C GLY B 33 26.98 15.35 -0.25
N PRO B 34 26.84 15.31 -1.58
CA PRO B 34 25.53 15.35 -2.23
C PRO B 34 24.66 14.19 -1.75
N GLY B 35 23.37 14.45 -1.57
CA GLY B 35 22.45 13.42 -1.12
C GLY B 35 21.17 13.98 -0.52
N SER B 36 20.30 13.10 -0.08
CA SER B 36 19.05 13.53 0.55
C SER B 36 18.35 12.34 1.16
N PRO B 37 17.48 12.56 2.16
CA PRO B 37 16.75 11.47 2.81
C PRO B 37 16.01 10.66 1.75
N GLU B 38 15.42 11.37 0.78
CA GLU B 38 14.69 10.72 -0.30
C GLU B 38 15.59 9.75 -1.06
N VAL B 39 16.81 10.18 -1.37
CA VAL B 39 17.73 9.33 -2.12
C VAL B 39 18.24 8.12 -1.32
N THR B 40 18.52 8.31 -0.04
CA THR B 40 18.98 7.22 0.81
C THR B 40 17.88 6.16 0.89
N LEU B 41 16.62 6.61 0.97
CA LEU B 41 15.50 5.70 1.08
C LEU B 41 15.16 4.99 -0.24
N LYS B 42 15.41 5.66 -1.35
CA LYS B 42 15.18 5.06 -2.68
C LYS B 42 16.24 3.96 -2.86
N ALA B 43 17.47 4.24 -2.46
CA ALA B 43 18.55 3.27 -2.56
C ALA B 43 18.17 2.07 -1.69
N LEU B 44 17.70 2.38 -0.49
CA LEU B 44 17.27 1.37 0.47
C LEU B 44 16.10 0.55 -0.03
N SER B 45 15.23 1.14 -0.82
CA SER B 45 14.08 0.40 -1.32
C SER B 45 14.51 -0.79 -2.17
N PHE B 46 15.76 -0.83 -2.59
CA PHE B 46 16.28 -1.93 -3.41
C PHE B 46 16.94 -3.03 -2.59
N ILE B 47 16.95 -2.86 -1.28
CA ILE B 47 17.54 -3.85 -0.39
C ILE B 47 16.46 -4.66 0.33
N ASP B 48 16.34 -5.93 -0.06
CA ASP B 48 15.32 -6.82 0.49
C ASP B 48 15.83 -8.05 1.27
N ASN B 49 16.74 -7.86 2.22
CA ASN B 49 17.25 -9.02 2.99
C ASN B 49 17.48 -8.68 4.44
N LEU B 50 17.09 -7.49 4.85
CA LEU B 50 17.33 -7.04 6.22
C LEU B 50 16.34 -7.48 7.27
N THR B 51 16.88 -7.74 8.47
CA THR B 51 16.10 -8.18 9.63
C THR B 51 16.71 -7.51 10.87
N ASN B 52 16.18 -7.77 12.05
CA ASN B 52 16.74 -7.15 13.24
C ASN B 52 18.09 -7.78 13.61
N LYS B 53 18.46 -8.85 12.92
CA LYS B 53 19.74 -9.50 13.18
C LYS B 53 20.80 -9.12 12.15
N SER B 54 20.40 -8.33 11.17
CA SER B 54 21.31 -7.88 10.12
C SER B 54 22.47 -7.02 10.67
N LEU B 55 23.65 -7.18 10.10
CA LEU B 55 24.79 -6.39 10.51
C LEU B 55 25.09 -5.41 9.38
N ILE B 56 25.20 -4.14 9.73
CA ILE B 56 25.44 -3.10 8.73
C ILE B 56 26.61 -2.17 9.07
N ALA B 57 27.31 -1.73 8.03
CA ALA B 57 28.42 -0.81 8.19
C ALA B 57 28.24 0.36 7.23
N ASP B 58 28.49 1.57 7.69
CA ASP B 58 28.40 2.77 6.86
C ASP B 58 29.82 3.32 6.85
N LEU B 59 30.49 3.24 5.69
CA LEU B 59 31.88 3.69 5.60
C LEU B 59 32.04 5.12 5.08
N GLY B 60 32.88 5.90 5.76
CA GLY B 60 33.10 7.29 5.38
C GLY B 60 31.78 7.98 5.66
N CYS B 61 31.28 7.71 6.87
CA CYS B 61 29.97 8.21 7.31
C CYS B 61 29.84 9.67 7.68
N GLY B 62 30.95 10.37 7.86
CA GLY B 62 30.87 11.78 8.24
C GLY B 62 30.10 11.91 9.55
N THR B 63 29.21 12.90 9.68
CA THR B 63 28.47 13.00 10.93
C THR B 63 27.31 12.05 10.99
N GLY B 64 27.12 11.27 9.93
CA GLY B 64 26.04 10.28 9.90
C GLY B 64 24.62 10.74 9.64
N GLY B 65 24.47 11.76 8.80
CA GLY B 65 23.14 12.24 8.47
C GLY B 65 22.38 11.13 7.77
N GLN B 66 23.04 10.47 6.81
CA GLN B 66 22.35 9.41 6.08
C GLN B 66 22.23 8.15 6.92
N THR B 67 23.20 7.93 7.81
CA THR B 67 23.20 6.75 8.66
C THR B 67 22.00 6.76 9.60
N MET B 68 21.63 7.94 10.09
CA MET B 68 20.50 8.06 10.99
C MET B 68 19.21 7.87 10.20
N ILE B 69 19.15 8.40 8.98
CA ILE B 69 17.95 8.24 8.18
C ILE B 69 17.79 6.74 7.93
N LEU B 70 18.91 6.08 7.69
CA LEU B 70 18.94 4.63 7.44
C LEU B 70 18.54 3.87 8.71
N ALA B 71 19.10 4.26 9.86
CA ALA B 71 18.78 3.59 11.12
C ALA B 71 17.29 3.66 11.42
N GLN B 72 16.67 4.79 11.10
CA GLN B 72 15.25 5.00 11.36
C GLN B 72 14.32 4.28 10.40
N HIS B 73 14.86 3.63 9.38
CA HIS B 73 13.99 2.94 8.44
C HIS B 73 14.25 1.47 8.25
N VAL B 74 15.26 0.94 8.92
CA VAL B 74 15.54 -0.48 8.80
C VAL B 74 16.00 -1.03 10.13
N PRO B 75 15.86 -2.34 10.31
CA PRO B 75 16.27 -3.01 11.55
C PRO B 75 17.73 -3.43 11.42
N GLY B 76 18.34 -3.84 12.54
CA GLY B 76 19.73 -4.25 12.48
C GLY B 76 20.62 -3.27 13.22
N LYS B 77 21.87 -3.67 13.41
CA LYS B 77 22.83 -2.83 14.09
C LYS B 77 23.67 -2.17 13.01
N ILE B 78 24.06 -0.94 13.26
CA ILE B 78 24.84 -0.18 12.30
C ILE B 78 26.15 0.36 12.88
N THR B 79 27.23 0.15 12.15
CA THR B 79 28.52 0.67 12.58
C THR B 79 28.95 1.70 11.56
N GLY B 80 29.15 2.92 12.04
CA GLY B 80 29.56 4.00 11.17
C GLY B 80 31.06 4.17 11.37
N ILE B 81 31.79 4.27 10.27
CA ILE B 81 33.22 4.42 10.33
C ILE B 81 33.68 5.64 9.56
N ASP B 82 34.48 6.47 10.22
CA ASP B 82 35.02 7.67 9.59
C ASP B 82 36.42 7.96 10.12
N PHE B 83 37.23 8.53 9.24
CA PHE B 83 38.62 8.86 9.55
C PHE B 83 38.79 10.07 10.47
N PHE B 84 37.78 10.94 10.50
CA PHE B 84 37.86 12.15 11.31
C PHE B 84 37.12 12.06 12.66
N PRO B 85 37.86 12.08 13.80
CA PRO B 85 37.26 11.99 15.13
C PRO B 85 36.11 12.95 15.36
N GLY B 86 36.30 14.21 14.94
CA GLY B 86 35.26 15.20 15.11
C GLY B 86 33.92 14.75 14.53
N PHE B 87 33.95 14.06 13.39
CA PHE B 87 32.73 13.57 12.76
C PHE B 87 32.10 12.45 13.58
N ILE B 88 32.94 11.52 14.04
CA ILE B 88 32.46 10.40 14.84
C ILE B 88 31.87 10.86 16.16
N GLU B 89 32.44 11.93 16.72
CA GLU B 89 31.93 12.47 17.97
C GLU B 89 30.53 13.01 17.73
N ARG B 90 30.38 13.76 16.65
CA ARG B 90 29.08 14.33 16.29
C ARG B 90 28.13 13.17 16.00
N PHE B 91 28.64 12.20 15.25
CA PHE B 91 27.84 11.02 14.92
C PHE B 91 27.28 10.33 16.17
N ASN B 92 28.15 10.02 17.13
CA ASN B 92 27.68 9.36 18.35
C ASN B 92 26.81 10.27 19.19
N LYS B 93 27.06 11.58 19.13
CA LYS B 93 26.25 12.52 19.88
C LYS B 93 24.86 12.52 19.27
N ASN B 94 24.80 12.71 17.96
CA ASN B 94 23.52 12.74 17.25
C ASN B 94 22.69 11.48 17.41
N ALA B 95 23.35 10.33 17.48
CA ALA B 95 22.63 9.07 17.65
C ALA B 95 22.06 9.02 19.06
N GLU B 96 22.79 9.59 20.01
CA GLU B 96 22.34 9.60 21.40
C GLU B 96 21.06 10.41 21.52
N LYS B 97 21.03 11.57 20.86
CA LYS B 97 19.85 12.44 20.87
C LYS B 97 18.65 11.76 20.23
N LEU B 98 18.90 10.81 19.33
CA LEU B 98 17.81 10.13 18.66
C LEU B 98 17.54 8.77 19.30
N ASN B 99 18.18 8.52 20.43
CA ASN B 99 18.02 7.27 21.17
C ASN B 99 18.33 6.06 20.30
N LEU B 100 19.38 6.15 19.49
CA LEU B 100 19.75 5.06 18.61
C LEU B 100 21.08 4.41 18.97
N GLN B 101 21.79 4.97 19.94
CA GLN B 101 23.10 4.46 20.34
C GLN B 101 23.22 2.96 20.59
N ASN B 102 22.11 2.32 20.92
CA ASN B 102 22.18 0.90 21.18
C ASN B 102 22.26 0.04 19.92
N ARG B 103 21.87 0.60 18.78
CA ARG B 103 21.98 -0.16 17.54
C ARG B 103 22.79 0.56 16.48
N VAL B 104 23.14 1.81 16.74
CA VAL B 104 23.94 2.60 15.82
C VAL B 104 25.12 3.15 16.58
N LYS B 105 26.34 2.77 16.18
CA LYS B 105 27.53 3.27 16.83
C LYS B 105 28.56 3.78 15.84
N GLY B 106 29.28 4.83 16.23
CA GLY B 106 30.30 5.42 15.39
C GLY B 106 31.71 5.11 15.89
N ILE B 107 32.61 4.82 14.96
CA ILE B 107 33.98 4.48 15.29
C ILE B 107 34.98 5.20 14.41
N VAL B 108 36.12 5.57 14.98
CA VAL B 108 37.16 6.22 14.20
C VAL B 108 37.98 5.12 13.53
N GLY B 109 37.99 5.10 12.19
CA GLY B 109 38.75 4.10 11.47
C GLY B 109 38.95 4.50 10.02
N SER B 110 39.65 3.66 9.27
CA SER B 110 39.90 3.92 7.86
C SER B 110 39.26 2.81 7.04
N MET B 111 38.65 3.16 5.91
CA MET B 111 37.98 2.16 5.09
C MET B 111 38.92 1.26 4.29
N ASP B 112 40.22 1.56 4.36
CA ASP B 112 41.23 0.75 3.67
C ASP B 112 41.92 -0.16 4.69
N ASP B 113 41.41 -0.15 5.92
CA ASP B 113 41.98 -0.97 6.98
C ASP B 113 40.92 -1.35 8.01
N LEU B 114 40.00 -2.22 7.59
CA LEU B 114 38.89 -2.68 8.43
C LEU B 114 39.18 -4.02 9.09
N SER B 115 38.50 -4.29 10.20
CA SER B 115 38.71 -5.53 10.93
C SER B 115 37.44 -6.38 11.03
N PHE B 116 36.46 -6.08 10.20
CA PHE B 116 35.21 -6.84 10.19
C PHE B 116 35.57 -8.29 9.85
N GLU B 117 34.81 -9.25 10.40
CA GLU B 117 35.07 -10.64 10.09
C GLU B 117 34.71 -10.88 8.64
N LYS B 118 35.39 -11.81 7.99
CA LYS B 118 35.10 -12.10 6.59
C LYS B 118 33.66 -12.57 6.41
N ASP B 119 33.02 -12.10 5.35
CA ASP B 119 31.64 -12.49 5.04
C ASP B 119 30.66 -12.35 6.22
N SER B 120 30.81 -11.33 7.04
CA SER B 120 29.91 -11.16 8.19
C SER B 120 28.86 -10.07 8.06
N LEU B 121 28.97 -9.21 7.05
CA LEU B 121 28.00 -8.14 6.92
C LEU B 121 26.90 -8.32 5.87
N ASP B 122 25.69 -7.93 6.24
CA ASP B 122 24.54 -8.02 5.35
C ASP B 122 24.46 -6.82 4.42
N LEU B 123 25.05 -5.71 4.85
CA LEU B 123 25.01 -4.48 4.07
C LEU B 123 26.13 -3.50 4.35
N ILE B 124 26.75 -3.01 3.29
CA ILE B 124 27.79 -2.03 3.40
C ILE B 124 27.26 -0.80 2.67
N TRP B 125 27.23 0.30 3.40
CA TRP B 125 26.74 1.57 2.90
C TRP B 125 27.87 2.60 2.86
N SER B 126 27.92 3.37 1.78
CA SER B 126 28.93 4.42 1.65
C SER B 126 28.46 5.50 0.68
N GLU B 127 28.21 6.69 1.20
CA GLU B 127 27.74 7.78 0.36
C GLU B 127 28.82 8.83 0.22
N GLY B 128 29.21 9.12 -1.02
CA GLY B 128 30.21 10.14 -1.27
C GLY B 128 31.50 9.93 -0.50
N ALA B 129 31.94 8.70 -0.36
CA ALA B 129 33.18 8.43 0.37
C ALA B 129 34.07 7.33 -0.23
N ILE B 130 33.52 6.48 -1.10
CA ILE B 130 34.35 5.43 -1.67
C ILE B 130 35.50 5.99 -2.49
N TYR B 131 35.37 7.22 -2.95
CA TYR B 131 36.42 7.85 -3.76
C TYR B 131 37.74 7.95 -2.99
N ASN B 132 37.65 7.88 -1.67
CA ASN B 132 38.83 7.98 -0.83
C ASN B 132 39.74 6.77 -0.96
N ILE B 133 39.15 5.60 -1.24
CA ILE B 133 39.93 4.38 -1.42
C ILE B 133 39.97 3.98 -2.89
N GLY B 134 39.02 4.50 -3.67
CA GLY B 134 38.95 4.16 -5.08
C GLY B 134 37.79 3.20 -5.33
N PHE B 135 37.01 3.48 -6.37
CA PHE B 135 35.84 2.67 -6.71
C PHE B 135 36.13 1.17 -6.86
N GLU B 136 36.94 0.81 -7.86
CA GLU B 136 37.29 -0.59 -8.08
C GLU B 136 37.99 -1.23 -6.90
N ARG B 137 38.87 -0.49 -6.24
CA ARG B 137 39.55 -1.07 -5.09
C ARG B 137 38.54 -1.24 -3.97
N GLY B 138 37.63 -0.30 -3.84
CA GLY B 138 36.62 -0.41 -2.81
C GLY B 138 35.77 -1.64 -3.05
N LEU B 139 35.35 -1.84 -4.30
CA LEU B 139 34.54 -2.99 -4.67
C LEU B 139 35.24 -4.31 -4.35
N LYS B 140 36.51 -4.40 -4.73
CA LYS B 140 37.30 -5.61 -4.51
C LYS B 140 37.51 -5.93 -3.03
N GLU B 141 38.00 -4.95 -2.29
CA GLU B 141 38.28 -5.16 -0.87
C GLU B 141 37.08 -5.34 0.04
N TRP B 142 36.05 -4.53 -0.18
CA TRP B 142 34.87 -4.60 0.67
C TRP B 142 34.07 -5.88 0.49
N ARG B 143 34.24 -6.53 -0.65
CA ARG B 143 33.53 -7.76 -0.94
C ARG B 143 33.82 -8.84 0.13
N ASN B 144 35.07 -8.88 0.60
CA ASN B 144 35.49 -9.86 1.60
C ASN B 144 34.72 -9.77 2.89
N TYR B 145 34.16 -8.61 3.16
CA TYR B 145 33.43 -8.41 4.40
C TYR B 145 31.94 -8.68 4.27
N LEU B 146 31.46 -8.76 3.04
CA LEU B 146 30.05 -9.02 2.78
C LEU B 146 29.80 -10.53 2.67
N LYS B 147 28.72 -11.01 3.27
CA LYS B 147 28.40 -12.42 3.17
C LYS B 147 27.77 -12.63 1.81
N PRO B 148 27.88 -13.85 1.26
CA PRO B 148 27.28 -14.12 -0.05
C PRO B 148 25.84 -13.65 -0.07
N GLY B 149 25.46 -12.89 -1.08
CA GLY B 149 24.09 -12.39 -1.16
C GLY B 149 23.91 -11.08 -0.40
N GLY B 150 24.99 -10.59 0.20
CA GLY B 150 24.97 -9.34 0.92
C GLY B 150 24.94 -8.18 -0.06
N TYR B 151 24.62 -6.98 0.42
CA TYR B 151 24.54 -5.82 -0.48
C TYR B 151 25.59 -4.75 -0.28
N LEU B 152 26.00 -4.14 -1.40
CA LEU B 152 26.93 -3.02 -1.37
C LEU B 152 26.17 -1.87 -2.00
N ALA B 153 26.01 -0.78 -1.26
CA ALA B 153 25.29 0.38 -1.74
C ALA B 153 26.15 1.62 -1.59
N VAL B 154 26.61 2.13 -2.72
CA VAL B 154 27.46 3.29 -2.66
C VAL B 154 27.12 4.35 -3.70
N SER B 155 27.28 5.61 -3.33
CA SER B 155 27.06 6.71 -4.26
C SER B 155 28.46 7.18 -4.69
N GLU B 156 28.60 7.50 -5.98
CA GLU B 156 29.88 7.90 -6.53
C GLU B 156 29.74 8.94 -7.65
N SER B 157 30.76 9.75 -7.87
CA SER B 157 30.69 10.75 -8.93
C SER B 157 30.80 10.08 -10.28
N VAL B 158 30.03 10.56 -11.26
CA VAL B 158 30.05 9.99 -12.59
C VAL B 158 29.84 11.01 -13.70
N TRP B 159 30.29 10.66 -14.90
CA TRP B 159 30.11 11.53 -16.06
C TRP B 159 28.77 11.10 -16.66
N PHE B 160 28.00 12.05 -17.15
CA PHE B 160 26.70 11.70 -17.72
C PHE B 160 26.81 11.38 -19.21
N THR B 161 27.82 11.95 -19.84
CA THR B 161 28.04 11.77 -21.27
C THR B 161 29.51 11.43 -21.53
N ASP B 162 29.83 11.15 -22.79
CA ASP B 162 31.19 10.83 -23.17
C ASP B 162 31.96 12.10 -23.50
N GLN B 163 31.25 13.20 -23.67
CA GLN B 163 31.90 14.46 -24.01
C GLN B 163 31.70 15.42 -22.85
N ARG B 164 32.80 16.01 -22.38
CA ARG B 164 32.74 16.96 -21.29
C ARG B 164 33.58 18.18 -21.68
N PRO B 165 33.12 19.39 -21.31
CA PRO B 165 33.87 20.60 -21.64
C PRO B 165 35.29 20.46 -21.07
N ALA B 166 36.13 21.46 -21.28
CA ALA B 166 37.50 21.38 -20.78
C ALA B 166 37.67 21.72 -19.30
N GLU B 167 37.04 22.81 -18.87
CA GLU B 167 37.14 23.27 -17.50
C GLU B 167 36.56 22.28 -16.48
N ILE B 168 35.41 21.70 -16.80
CA ILE B 168 34.79 20.75 -15.88
C ILE B 168 35.65 19.51 -15.72
N HIS B 169 36.15 19.02 -16.85
CA HIS B 169 36.98 17.81 -16.88
C HIS B 169 38.24 17.88 -16.05
N ASP B 170 39.10 18.85 -16.36
CA ASP B 170 40.36 19.00 -15.64
C ASP B 170 40.12 19.25 -14.17
N PHE B 171 38.98 19.86 -13.85
CA PHE B 171 38.67 20.13 -12.46
C PHE B 171 38.63 18.83 -11.70
N TRP B 172 38.03 17.80 -12.33
CA TRP B 172 37.94 16.50 -11.68
C TRP B 172 39.24 15.74 -11.68
N MET B 173 40.01 15.88 -12.76
CA MET B 173 41.30 15.20 -12.84
C MET B 173 42.22 15.64 -11.71
N SER B 174 42.07 16.90 -11.28
CA SER B 174 42.90 17.43 -10.20
C SER B 174 42.27 17.18 -8.84
N ALA B 175 41.17 16.44 -8.82
CA ALA B 175 40.48 16.14 -7.56
C ALA B 175 40.35 14.62 -7.38
N TYR B 176 39.51 14.01 -8.21
CA TYR B 176 39.29 12.57 -8.16
C TYR B 176 39.39 12.06 -9.59
N THR B 177 40.47 11.36 -9.89
CA THR B 177 40.68 10.86 -11.25
C THR B 177 39.93 9.59 -11.60
N GLU B 178 39.22 9.01 -10.65
CA GLU B 178 38.52 7.77 -10.97
C GLU B 178 37.06 7.98 -11.36
N ILE B 179 36.63 9.24 -11.49
CA ILE B 179 35.26 9.50 -11.92
C ILE B 179 35.17 8.90 -13.32
N ASP B 180 34.12 8.15 -13.57
CA ASP B 180 33.93 7.51 -14.86
C ASP B 180 32.46 7.54 -15.25
N THR B 181 32.15 7.04 -16.44
CA THR B 181 30.77 7.02 -16.92
C THR B 181 30.01 5.97 -16.14
N VAL B 182 28.69 6.02 -16.22
CA VAL B 182 27.87 5.03 -15.54
C VAL B 182 28.07 3.64 -16.15
N PRO B 183 28.15 3.53 -17.49
CA PRO B 183 28.35 2.20 -18.08
C PRO B 183 29.63 1.54 -17.58
N ASN B 184 30.69 2.33 -17.40
CA ASN B 184 31.97 1.78 -16.93
C ASN B 184 31.86 1.32 -15.47
N LYS B 185 31.30 2.18 -14.62
CA LYS B 185 31.11 1.83 -13.22
C LYS B 185 30.33 0.52 -13.15
N VAL B 186 29.24 0.44 -13.90
CA VAL B 186 28.40 -0.77 -13.90
C VAL B 186 29.20 -1.97 -14.37
N ALA B 187 30.03 -1.77 -15.40
CA ALA B 187 30.88 -2.85 -15.90
C ALA B 187 31.82 -3.28 -14.77
N GLN B 188 32.46 -2.32 -14.12
CA GLN B 188 33.38 -2.61 -13.02
C GLN B 188 32.71 -3.36 -11.87
N ILE B 189 31.44 -3.05 -11.60
CA ILE B 189 30.71 -3.73 -10.53
C ILE B 189 30.53 -5.21 -10.89
N GLN B 190 30.09 -5.46 -12.13
CA GLN B 190 29.87 -6.83 -12.58
C GLN B 190 31.16 -7.63 -12.52
N LYS B 191 32.24 -7.02 -12.98
CA LYS B 191 33.55 -7.65 -12.99
C LYS B 191 34.03 -8.04 -11.59
N ALA B 192 33.95 -7.12 -10.65
CA ALA B 192 34.38 -7.38 -9.28
C ALA B 192 33.58 -8.45 -8.59
N GLY B 193 32.62 -9.05 -9.30
CA GLY B 193 31.83 -10.11 -8.68
C GLY B 193 30.52 -9.76 -8.02
N TYR B 194 29.79 -8.79 -8.57
CA TYR B 194 28.49 -8.41 -8.03
C TYR B 194 27.43 -8.36 -9.14
N ILE B 195 26.16 -8.55 -8.76
CA ILE B 195 25.06 -8.43 -9.71
C ILE B 195 24.62 -6.97 -9.54
N PRO B 196 24.73 -6.15 -10.59
CA PRO B 196 24.31 -4.74 -10.43
C PRO B 196 22.80 -4.63 -10.38
N VAL B 197 22.26 -4.80 -9.18
CA VAL B 197 20.83 -4.75 -8.95
C VAL B 197 20.12 -3.44 -9.29
N ALA B 198 20.69 -2.30 -8.89
CA ALA B 198 20.04 -1.03 -9.16
C ALA B 198 21.07 0.07 -9.30
N THR B 199 20.76 1.03 -10.16
CA THR B 199 21.63 2.17 -10.38
C THR B 199 20.77 3.38 -10.74
N PHE B 200 21.04 4.52 -10.12
CA PHE B 200 20.28 5.70 -10.45
C PHE B 200 21.06 6.99 -10.16
N ILE B 201 20.89 7.98 -11.03
CA ILE B 201 21.56 9.27 -10.89
C ILE B 201 20.84 10.09 -9.83
N LEU B 202 21.56 10.70 -8.89
CA LEU B 202 20.91 11.51 -7.87
C LEU B 202 20.33 12.76 -8.48
N PRO B 203 19.17 13.24 -7.99
CA PRO B 203 18.54 14.44 -8.51
C PRO B 203 19.44 15.65 -8.22
N GLU B 204 19.26 16.73 -8.96
CA GLU B 204 20.06 17.91 -8.74
C GLU B 204 19.85 18.57 -7.38
N ASN B 205 18.70 18.35 -6.75
CA ASN B 205 18.47 18.96 -5.45
C ASN B 205 19.38 18.34 -4.39
N CYS B 206 19.99 17.19 -4.72
CA CYS B 206 20.91 16.54 -3.78
C CYS B 206 22.17 17.37 -3.67
N TRP B 207 22.45 18.17 -4.71
CA TRP B 207 23.62 19.02 -4.68
C TRP B 207 23.28 20.41 -4.16
N ILE B 208 22.31 21.05 -4.81
CA ILE B 208 21.90 22.40 -4.46
C ILE B 208 21.24 22.52 -3.10
N GLU B 209 20.05 21.94 -2.97
CA GLU B 209 19.31 22.05 -1.72
C GLU B 209 19.92 21.42 -0.49
N HIS B 210 20.39 20.18 -0.63
CA HIS B 210 20.93 19.47 0.52
C HIS B 210 22.43 19.53 0.76
N TYR B 211 23.17 20.02 -0.22
CA TYR B 211 24.62 20.10 -0.06
C TYR B 211 25.19 21.51 -0.10
N PHE B 212 24.98 22.25 -1.19
CA PHE B 212 25.52 23.61 -1.30
C PHE B 212 24.74 24.64 -0.45
N ALA B 213 23.43 24.68 -0.60
CA ALA B 213 22.63 25.64 0.16
C ALA B 213 22.90 25.62 1.67
N PRO B 214 22.97 24.43 2.29
CA PRO B 214 23.23 24.39 3.74
C PRO B 214 24.56 25.01 4.16
N GLN B 215 25.50 25.12 3.22
CA GLN B 215 26.81 25.66 3.54
C GLN B 215 26.86 27.14 3.96
N ALA B 216 25.87 27.93 3.56
CA ALA B 216 25.83 29.35 3.91
C ALA B 216 25.79 29.57 5.42
N LYS B 217 24.90 28.85 6.10
CA LYS B 217 24.78 28.96 7.55
C LYS B 217 26.12 28.56 8.16
N ALA B 218 26.70 27.51 7.58
CA ALA B 218 27.97 26.99 8.03
C ALA B 218 29.06 28.02 7.77
N GLU B 219 29.05 28.62 6.59
CA GLU B 219 30.06 29.62 6.25
C GLU B 219 30.08 30.74 7.28
N GLU B 220 28.97 30.94 7.98
CA GLU B 220 28.93 32.01 8.96
C GLU B 220 29.54 31.61 10.29
N ILE B 221 29.08 30.51 10.87
CA ILE B 221 29.65 30.08 12.14
C ILE B 221 31.15 29.88 11.91
N PHE B 222 31.51 29.12 10.88
CA PHE B 222 32.91 28.88 10.58
C PHE B 222 33.65 30.21 10.71
N ARG B 223 33.43 31.07 9.73
CA ARG B 223 34.04 32.40 9.67
C ARG B 223 34.09 33.05 11.05
N ARG B 224 32.97 32.94 11.77
CA ARG B 224 32.84 33.51 13.11
C ARG B 224 33.77 32.85 14.12
N LYS B 225 33.82 31.52 14.09
CA LYS B 225 34.69 30.75 14.99
C LYS B 225 36.16 31.05 14.66
N HIS B 226 36.42 31.42 13.41
CA HIS B 226 37.76 31.73 12.96
C HIS B 226 37.91 33.19 12.54
N GLU B 233 43.00 32.39 5.47
CA GLU B 233 42.40 31.33 6.26
C GLU B 233 40.93 31.19 5.87
N GLU B 234 40.61 31.62 4.65
CA GLU B 234 39.24 31.57 4.18
C GLU B 234 39.15 30.66 2.95
N LEU B 235 38.60 29.47 3.16
CA LEU B 235 38.44 28.46 2.13
C LEU B 235 37.01 28.52 1.59
N ILE B 236 36.28 29.51 2.05
CA ILE B 236 34.90 29.69 1.63
C ILE B 236 34.90 29.94 0.15
N THR B 237 36.03 30.41 -0.36
CA THR B 237 36.18 30.68 -1.79
C THR B 237 36.20 29.37 -2.56
N SER B 238 36.93 28.40 -2.05
CA SER B 238 37.03 27.08 -2.68
C SER B 238 35.65 26.40 -2.69
N ASN B 239 34.89 26.55 -1.62
CA ASN B 239 33.56 25.96 -1.52
C ASN B 239 32.61 26.59 -2.52
N HIS B 240 32.85 27.85 -2.85
CA HIS B 240 31.98 28.52 -3.80
C HIS B 240 32.34 28.10 -5.21
N HIS B 241 33.63 28.01 -5.50
CA HIS B 241 34.05 27.59 -6.83
C HIS B 241 33.32 26.30 -7.20
N GLU B 242 33.41 25.30 -6.32
CA GLU B 242 32.77 24.00 -6.52
C GLU B 242 31.28 24.13 -6.82
N ALA B 243 30.60 24.96 -6.02
CA ALA B 243 29.17 25.20 -6.23
C ALA B 243 28.93 26.02 -7.50
N GLU B 244 29.91 26.80 -7.93
CA GLU B 244 29.78 27.60 -9.14
C GLU B 244 29.95 26.67 -10.33
N LEU B 245 30.85 25.71 -10.20
CA LEU B 245 31.10 24.75 -11.26
C LEU B 245 29.90 23.84 -11.52
N TYR B 246 29.25 23.41 -10.45
CA TYR B 246 28.11 22.51 -10.59
C TYR B 246 26.89 23.15 -11.24
N SER B 247 26.70 24.44 -11.03
CA SER B 247 25.55 25.13 -11.61
C SER B 247 25.77 25.40 -13.09
N LYS B 248 27.02 25.29 -13.51
CA LYS B 248 27.40 25.55 -14.89
C LYS B 248 27.57 24.27 -15.71
N TYR B 249 27.99 23.18 -15.06
CA TYR B 249 28.20 21.91 -15.75
C TYR B 249 27.34 20.75 -15.25
N LYS B 250 26.44 21.03 -14.33
CA LYS B 250 25.57 20.00 -13.77
C LYS B 250 25.13 18.98 -14.82
N ALA B 251 24.78 19.46 -16.01
CA ALA B 251 24.32 18.58 -17.08
C ALA B 251 25.34 17.56 -17.58
N TYR B 252 26.60 17.69 -17.17
CA TYR B 252 27.65 16.78 -17.63
C TYR B 252 28.17 15.82 -16.58
N TYR B 253 27.86 16.07 -15.31
CA TYR B 253 28.33 15.17 -14.26
C TYR B 253 27.44 15.24 -13.04
N GLY B 254 27.67 14.30 -12.13
CA GLY B 254 26.89 14.26 -10.91
C GLY B 254 27.30 13.08 -10.07
N TYR B 255 26.34 12.54 -9.33
CA TYR B 255 26.55 11.39 -8.47
C TYR B 255 25.53 10.32 -8.86
N ALA B 256 25.91 9.07 -8.72
CA ALA B 256 25.01 7.98 -9.01
C ALA B 256 25.13 6.99 -7.86
N PHE B 257 24.00 6.42 -7.46
CA PHE B 257 23.96 5.45 -6.38
C PHE B 257 24.00 4.09 -7.06
N PHE B 258 24.80 3.17 -6.52
CA PHE B 258 24.93 1.84 -7.10
C PHE B 258 24.63 0.81 -6.03
N ILE B 259 23.62 -0.03 -6.25
CA ILE B 259 23.27 -1.07 -5.28
C ILE B 259 23.74 -2.37 -5.93
N CYS B 260 24.68 -3.04 -5.27
CA CYS B 260 25.31 -4.26 -5.76
C CYS B 260 25.11 -5.45 -4.82
N LYS B 261 24.72 -6.59 -5.38
CA LYS B 261 24.53 -7.81 -4.58
C LYS B 261 25.76 -8.70 -4.78
N LYS B 262 26.38 -9.13 -3.68
CA LYS B 262 27.57 -9.97 -3.73
C LYS B 262 27.25 -11.27 -4.36
N GLY B 263 27.83 -11.48 -5.53
CA GLY B 263 27.59 -12.68 -6.30
C GLY B 263 28.16 -13.87 -5.59
N PHE B 264 28.30 -14.99 -6.29
CA PHE B 264 28.87 -16.18 -5.64
C PHE B 264 30.14 -16.68 -6.35
N ASN C 20 9.41 12.35 28.77
CA ASN C 20 9.72 13.34 29.86
C ASN C 20 8.77 14.54 29.70
N LEU C 21 9.22 15.55 28.95
CA LEU C 21 8.41 16.75 28.72
C LEU C 21 7.35 16.49 27.67
N ILE C 22 7.34 15.26 27.17
CA ILE C 22 6.39 14.86 26.14
C ILE C 22 5.02 14.56 26.74
N CYS C 23 4.98 13.90 27.89
CA CYS C 23 3.70 13.64 28.51
C CYS C 23 3.11 15.02 28.75
N ASP C 24 3.92 15.92 29.30
CA ASP C 24 3.51 17.28 29.57
C ASP C 24 2.81 17.94 28.39
N PHE C 25 3.38 17.79 27.20
CA PHE C 25 2.73 18.39 26.04
C PHE C 25 1.32 17.83 25.79
N PHE C 26 1.18 16.51 25.96
CA PHE C 26 -0.10 15.87 25.73
C PHE C 26 -1.12 16.00 26.86
N LEU C 27 -0.69 16.42 28.05
CA LEU C 27 -1.63 16.61 29.16
C LEU C 27 -2.53 17.81 28.86
N ASN C 28 -2.21 18.51 27.77
CA ASN C 28 -3.00 19.69 27.37
C ASN C 28 -3.96 19.34 26.22
N THR C 29 -4.24 18.04 26.07
CA THR C 29 -5.14 17.55 25.02
C THR C 29 -6.09 16.47 25.52
N GLU C 30 -7.34 16.56 25.07
CA GLU C 30 -8.36 15.62 25.47
C GLU C 30 -8.01 14.20 25.04
N ARG C 31 -7.20 14.10 23.99
CA ARG C 31 -6.78 12.80 23.47
C ARG C 31 -5.41 12.80 22.78
N GLN C 32 -4.65 11.72 22.98
CA GLN C 32 -3.33 11.61 22.40
C GLN C 32 -3.26 10.81 21.09
N GLY C 33 -4.41 10.53 20.49
CA GLY C 33 -4.42 9.80 19.25
C GLY C 33 -5.68 10.08 18.46
N PRO C 34 -5.75 9.69 17.18
CA PRO C 34 -6.96 9.94 16.39
C PRO C 34 -8.18 9.23 16.97
N GLY C 35 -9.34 9.86 16.88
CA GLY C 35 -10.56 9.27 17.37
C GLY C 35 -11.58 10.33 17.70
N SER C 36 -12.70 9.92 18.27
CA SER C 36 -13.76 10.85 18.66
C SER C 36 -14.81 10.07 19.46
N PRO C 37 -15.63 10.79 20.24
CA PRO C 37 -16.65 10.09 21.01
C PRO C 37 -17.54 9.21 20.13
N GLU C 38 -17.97 9.74 18.99
CA GLU C 38 -18.82 8.97 18.07
C GLU C 38 -18.18 7.62 17.71
N VAL C 39 -16.93 7.65 17.26
CA VAL C 39 -16.22 6.45 16.87
C VAL C 39 -16.13 5.44 18.02
N THR C 40 -15.82 5.93 19.21
CA THR C 40 -15.73 5.04 20.35
C THR C 40 -17.06 4.33 20.58
N LEU C 41 -18.18 5.06 20.48
CA LEU C 41 -19.50 4.47 20.69
C LEU C 41 -19.94 3.56 19.55
N LYS C 42 -19.47 3.84 18.34
CA LYS C 42 -19.81 3.00 17.20
C LYS C 42 -19.12 1.66 17.41
N ALA C 43 -17.87 1.71 17.89
CA ALA C 43 -17.11 0.48 18.16
C ALA C 43 -17.85 -0.34 19.20
N LEU C 44 -18.31 0.33 20.24
CA LEU C 44 -19.06 -0.32 21.31
C LEU C 44 -20.37 -0.93 20.83
N SER C 45 -21.00 -0.29 19.84
CA SER C 45 -22.27 -0.78 19.35
C SER C 45 -22.18 -2.22 18.87
N PHE C 46 -20.95 -2.70 18.66
CA PHE C 46 -20.74 -4.07 18.21
C PHE C 46 -20.43 -5.04 19.35
N ILE C 47 -20.31 -4.51 20.56
CA ILE C 47 -20.02 -5.36 21.71
C ILE C 47 -21.36 -5.64 22.38
N ASP C 48 -21.67 -6.91 22.60
CA ASP C 48 -22.95 -7.28 23.21
C ASP C 48 -22.84 -8.39 24.25
N ASN C 49 -22.02 -8.19 25.27
CA ASN C 49 -21.86 -9.22 26.30
C ASN C 49 -21.51 -8.59 27.64
N LEU C 50 -21.67 -7.28 27.73
CA LEU C 50 -21.32 -6.57 28.95
C LEU C 50 -22.44 -6.50 29.98
N THR C 51 -22.07 -6.76 31.23
CA THR C 51 -22.97 -6.72 32.36
C THR C 51 -22.21 -5.97 33.44
N ASN C 52 -22.86 -5.73 34.57
CA ASN C 52 -22.21 -5.02 35.67
C ASN C 52 -21.18 -5.91 36.35
N LYS C 53 -21.02 -7.12 35.80
CA LYS C 53 -20.05 -8.08 36.31
C LYS C 53 -18.87 -8.21 35.34
N SER C 54 -18.94 -7.49 34.23
CA SER C 54 -17.88 -7.52 33.23
C SER C 54 -16.60 -6.81 33.64
N LEU C 55 -15.46 -7.44 33.34
CA LEU C 55 -14.15 -6.86 33.63
C LEU C 55 -13.63 -6.31 32.31
N ILE C 56 -13.22 -5.05 32.31
CA ILE C 56 -12.73 -4.38 31.11
C ILE C 56 -11.36 -3.74 31.25
N ALA C 57 -10.56 -3.87 30.21
CA ALA C 57 -9.22 -3.31 30.18
C ALA C 57 -9.06 -2.40 28.96
N ASP C 58 -8.34 -1.28 29.14
CA ASP C 58 -8.08 -0.33 28.05
C ASP C 58 -6.55 -0.15 28.04
N LEU C 59 -5.89 -0.75 27.05
CA LEU C 59 -4.44 -0.70 26.95
C LEU C 59 -3.94 0.53 26.19
N GLY C 60 -3.05 1.29 26.83
CA GLY C 60 -2.53 2.50 26.21
C GLY C 60 -3.58 3.60 26.23
N CYS C 61 -4.32 3.66 27.35
CA CYS C 61 -5.41 4.61 27.57
C CYS C 61 -5.08 6.10 27.49
N GLY C 62 -3.80 6.45 27.68
CA GLY C 62 -3.42 7.85 27.65
C GLY C 62 -4.08 8.52 28.83
N THR C 63 -4.64 9.72 28.63
CA THR C 63 -5.32 10.38 29.73
C THR C 63 -6.73 9.76 29.84
N GLY C 64 -6.99 8.79 28.97
CA GLY C 64 -8.27 8.10 29.01
C GLY C 64 -9.48 8.87 28.50
N GLY C 65 -9.29 9.67 27.45
CA GLY C 65 -10.41 10.40 26.90
C GLY C 65 -11.50 9.45 26.45
N GLN C 66 -11.09 8.42 25.71
CA GLN C 66 -12.03 7.42 25.20
C GLN C 66 -12.50 6.45 26.30
N THR C 67 -11.67 6.25 27.32
CA THR C 67 -12.00 5.34 28.41
C THR C 67 -13.22 5.83 29.20
N MET C 68 -13.32 7.14 29.38
CA MET C 68 -14.43 7.73 30.11
C MET C 68 -15.71 7.64 29.27
N ILE C 69 -15.60 8.00 27.99
CA ILE C 69 -16.74 7.91 27.10
C ILE C 69 -17.28 6.48 27.17
N LEU C 70 -16.39 5.50 27.11
CA LEU C 70 -16.78 4.10 27.17
C LEU C 70 -17.48 3.76 28.49
N ALA C 71 -16.84 4.14 29.59
CA ALA C 71 -17.37 3.89 30.93
C ALA C 71 -18.74 4.52 31.17
N GLN C 72 -19.06 5.60 30.46
CA GLN C 72 -20.34 6.27 30.62
C GLN C 72 -21.44 5.60 29.81
N HIS C 73 -21.06 4.58 29.05
CA HIS C 73 -22.02 3.88 28.22
C HIS C 73 -21.99 2.37 28.39
N VAL C 74 -21.18 1.87 29.32
CA VAL C 74 -21.12 0.44 29.57
C VAL C 74 -20.98 0.18 31.04
N PRO C 75 -21.45 -1.00 31.49
CA PRO C 75 -21.35 -1.34 32.90
C PRO C 75 -20.15 -2.26 33.06
N GLY C 76 -19.70 -2.46 34.30
CA GLY C 76 -18.56 -3.33 34.50
C GLY C 76 -17.36 -2.56 35.00
N LYS C 77 -16.32 -3.29 35.39
CA LYS C 77 -15.10 -2.68 35.91
C LYS C 77 -14.14 -2.39 34.78
N ILE C 78 -13.51 -1.22 34.81
CA ILE C 78 -12.56 -0.83 33.76
C ILE C 78 -11.17 -0.49 34.29
N THR C 79 -10.17 -1.21 33.79
CA THR C 79 -8.79 -0.97 34.19
C THR C 79 -8.08 -0.27 33.04
N GLY C 80 -7.50 0.89 33.35
CA GLY C 80 -6.76 1.61 32.32
C GLY C 80 -5.28 1.39 32.57
N ILE C 81 -4.56 0.96 31.53
CA ILE C 81 -3.12 0.73 31.65
C ILE C 81 -2.33 1.61 30.68
N ASP C 82 -1.31 2.28 31.18
CA ASP C 82 -0.47 3.13 30.34
C ASP C 82 0.95 3.20 30.89
N PHE C 83 1.92 3.37 30.00
CA PHE C 83 3.33 3.43 30.36
C PHE C 83 3.75 4.72 31.06
N PHE C 84 3.15 5.83 30.67
CA PHE C 84 3.48 7.13 31.25
C PHE C 84 2.66 7.47 32.49
N PRO C 85 3.31 7.52 33.66
CA PRO C 85 2.67 7.83 34.95
C PRO C 85 1.86 9.13 34.90
N GLY C 86 2.39 10.12 34.20
CA GLY C 86 1.69 11.38 34.10
C GLY C 86 0.30 11.27 33.49
N PHE C 87 0.09 10.27 32.64
CA PHE C 87 -1.21 10.08 32.01
C PHE C 87 -2.15 9.40 32.99
N ILE C 88 -1.60 8.47 33.77
CA ILE C 88 -2.40 7.76 34.74
C ILE C 88 -2.84 8.67 35.88
N GLU C 89 -2.03 9.65 36.23
CA GLU C 89 -2.43 10.56 37.30
C GLU C 89 -3.62 11.37 36.81
N ARG C 90 -3.50 11.85 35.58
CA ARG C 90 -4.55 12.63 34.96
C ARG C 90 -5.79 11.79 34.64
N PHE C 91 -5.59 10.49 34.51
CA PHE C 91 -6.68 9.55 34.19
C PHE C 91 -7.52 9.27 35.43
N ASN C 92 -6.85 9.03 36.56
CA ASN C 92 -7.56 8.77 37.80
C ASN C 92 -8.17 10.03 38.34
N LYS C 93 -7.60 11.17 37.95
CA LYS C 93 -8.12 12.47 38.37
C LYS C 93 -9.43 12.73 37.65
N ASN C 94 -9.41 12.68 36.31
CA ASN C 94 -10.61 12.91 35.51
C ASN C 94 -11.72 11.92 35.81
N ALA C 95 -11.34 10.73 36.29
CA ALA C 95 -12.29 9.69 36.62
C ALA C 95 -13.07 10.01 37.90
N GLU C 96 -12.46 10.81 38.77
CA GLU C 96 -13.09 11.23 40.02
C GLU C 96 -14.11 12.32 39.75
N LYS C 97 -13.72 13.31 38.94
CA LYS C 97 -14.64 14.41 38.59
C LYS C 97 -15.92 13.91 37.94
N LEU C 98 -15.99 12.60 37.70
CA LEU C 98 -17.15 11.99 37.06
C LEU C 98 -17.65 10.91 38.00
N ASN C 99 -17.10 10.91 39.21
CA ASN C 99 -17.48 9.91 40.21
C ASN C 99 -17.44 8.51 39.62
N LEU C 100 -16.31 8.14 39.03
CA LEU C 100 -16.10 6.84 38.41
C LEU C 100 -14.93 6.05 39.01
N GLN C 101 -14.28 6.62 40.02
CA GLN C 101 -13.13 5.94 40.64
C GLN C 101 -13.49 4.61 41.30
N ASN C 102 -14.78 4.29 41.34
CA ASN C 102 -15.24 3.04 41.95
C ASN C 102 -15.25 1.89 40.95
N ARG C 103 -15.29 2.23 39.66
CA ARG C 103 -15.33 1.22 38.62
C ARG C 103 -14.34 1.48 37.46
N VAL C 104 -13.67 2.62 37.51
CA VAL C 104 -12.70 2.99 36.48
C VAL C 104 -11.44 3.54 37.12
N LYS C 105 -10.35 2.80 37.03
CA LYS C 105 -9.09 3.23 37.60
C LYS C 105 -7.89 2.95 36.69
N GLY C 106 -6.95 3.89 36.69
CA GLY C 106 -5.77 3.77 35.86
C GLY C 106 -4.52 3.30 36.58
N ILE C 107 -3.89 2.29 36.01
CA ILE C 107 -2.66 1.71 36.57
C ILE C 107 -1.49 1.95 35.63
N VAL C 108 -0.31 2.25 36.18
CA VAL C 108 0.85 2.45 35.33
C VAL C 108 1.39 1.08 34.95
N GLY C 109 1.57 0.83 33.67
CA GLY C 109 2.07 -0.46 33.26
C GLY C 109 2.38 -0.56 31.79
N SER C 110 2.71 -1.76 31.32
CA SER C 110 3.05 -1.98 29.93
C SER C 110 2.20 -3.08 29.30
N MET C 111 1.72 -2.81 28.09
CA MET C 111 0.86 -3.76 27.37
C MET C 111 1.55 -5.02 26.89
N ASP C 112 2.85 -5.15 27.18
CA ASP C 112 3.56 -6.36 26.79
C ASP C 112 3.98 -7.07 28.07
N ASP C 113 3.43 -6.59 29.19
CA ASP C 113 3.74 -7.16 30.50
C ASP C 113 2.51 -6.99 31.42
N LEU C 114 1.42 -7.68 31.08
CA LEU C 114 0.18 -7.59 31.83
C LEU C 114 0.05 -8.65 32.92
N SER C 115 -0.59 -8.29 34.03
CA SER C 115 -0.73 -9.22 35.13
C SER C 115 -2.17 -9.67 35.35
N PHE C 116 -3.04 -9.38 34.38
CA PHE C 116 -4.44 -9.76 34.44
C PHE C 116 -4.57 -11.28 34.55
N GLU C 117 -5.58 -11.74 35.29
CA GLU C 117 -5.79 -13.17 35.43
C GLU C 117 -6.10 -13.71 34.05
N LYS C 118 -5.52 -14.85 33.72
CA LYS C 118 -5.74 -15.44 32.41
C LYS C 118 -7.23 -15.72 32.19
N ASP C 119 -7.71 -15.46 30.98
CA ASP C 119 -9.10 -15.69 30.61
C ASP C 119 -10.14 -15.09 31.57
N SER C 120 -9.87 -13.89 32.07
CA SER C 120 -10.80 -13.26 33.01
C SER C 120 -11.52 -12.05 32.45
N LEU C 121 -10.95 -11.46 31.41
CA LEU C 121 -11.56 -10.26 30.82
C LEU C 121 -12.63 -10.52 29.77
N ASP C 122 -13.61 -9.62 29.73
CA ASP C 122 -14.70 -9.72 28.78
C ASP C 122 -14.42 -8.84 27.57
N LEU C 123 -13.65 -7.79 27.79
CA LEU C 123 -13.34 -6.83 26.75
C LEU C 123 -11.99 -6.14 26.93
N ILE C 124 -11.28 -6.00 25.82
CA ILE C 124 -10.00 -5.32 25.81
C ILE C 124 -10.07 -4.20 24.77
N TRP C 125 -9.89 -2.99 25.25
CA TRP C 125 -9.95 -1.80 24.44
C TRP C 125 -8.57 -1.15 24.27
N SER C 126 -8.27 -0.72 23.06
CA SER C 126 -7.01 -0.06 22.79
C SER C 126 -7.15 0.80 21.55
N GLU C 127 -7.10 2.12 21.75
CA GLU C 127 -7.21 3.06 20.64
C GLU C 127 -5.87 3.72 20.33
N GLY C 128 -5.38 3.45 19.12
CA GLY C 128 -4.10 4.01 18.68
C GLY C 128 -2.95 3.75 19.64
N ALA C 129 -2.82 2.51 20.09
CA ALA C 129 -1.73 2.19 21.02
C ALA C 129 -1.16 0.79 20.84
N ILE C 130 -1.88 -0.08 20.14
CA ILE C 130 -1.37 -1.42 19.94
C ILE C 130 -0.12 -1.47 19.06
N TYR C 131 0.17 -0.38 18.37
CA TYR C 131 1.36 -0.34 17.52
C TYR C 131 2.62 -0.47 18.41
N ASN C 132 2.51 0.00 19.65
CA ASN C 132 3.62 -0.07 20.59
C ASN C 132 4.07 -1.52 20.86
N ILE C 133 3.23 -2.49 20.51
CA ILE C 133 3.59 -3.88 20.76
C ILE C 133 3.61 -4.67 19.46
N GLY C 134 2.93 -4.15 18.44
CA GLY C 134 2.84 -4.84 17.18
C GLY C 134 1.43 -5.40 17.08
N PHE C 135 0.84 -5.37 15.90
CA PHE C 135 -0.53 -5.85 15.71
C PHE C 135 -0.69 -7.34 16.01
N GLU C 136 -0.09 -8.16 15.17
CA GLU C 136 -0.16 -9.62 15.34
C GLU C 136 0.28 -10.06 16.73
N ARG C 137 1.37 -9.48 17.23
CA ARG C 137 1.86 -9.85 18.55
C ARG C 137 0.82 -9.49 19.63
N GLY C 138 0.17 -8.33 19.47
CA GLY C 138 -0.84 -7.93 20.43
C GLY C 138 -2.02 -8.88 20.39
N LEU C 139 -2.38 -9.33 19.20
CA LEU C 139 -3.50 -10.26 19.04
C LEU C 139 -3.20 -11.55 19.79
N LYS C 140 -2.05 -12.14 19.45
CA LYS C 140 -1.60 -13.38 20.04
C LYS C 140 -1.50 -13.36 21.56
N GLU C 141 -0.87 -12.33 22.10
CA GLU C 141 -0.70 -12.22 23.55
C GLU C 141 -1.96 -11.81 24.32
N TRP C 142 -2.67 -10.81 23.82
CA TRP C 142 -3.88 -10.34 24.49
C TRP C 142 -4.98 -11.37 24.51
N ARG C 143 -4.91 -12.36 23.63
CA ARG C 143 -5.93 -13.41 23.58
C ARG C 143 -5.99 -14.18 24.90
N ASN C 144 -4.83 -14.48 25.47
CA ASN C 144 -4.76 -15.25 26.72
C ASN C 144 -5.45 -14.59 27.90
N TYR C 145 -5.61 -13.28 27.85
CA TYR C 145 -6.25 -12.58 28.95
C TYR C 145 -7.77 -12.43 28.78
N LEU C 146 -8.27 -12.85 27.62
CA LEU C 146 -9.70 -12.75 27.34
C LEU C 146 -10.45 -14.04 27.62
N LYS C 147 -11.65 -13.92 28.15
CA LYS C 147 -12.48 -15.09 28.38
C LYS C 147 -12.89 -15.53 26.97
N PRO C 148 -13.15 -16.83 26.77
CA PRO C 148 -13.55 -17.22 25.42
C PRO C 148 -14.85 -16.48 25.07
N GLY C 149 -14.96 -16.01 23.84
CA GLY C 149 -16.15 -15.27 23.44
C GLY C 149 -16.06 -13.81 23.85
N GLY C 150 -14.93 -13.45 24.45
CA GLY C 150 -14.71 -12.08 24.87
C GLY C 150 -14.35 -11.23 23.66
N TYR C 151 -14.30 -9.91 23.85
CA TYR C 151 -14.02 -8.99 22.76
C TYR C 151 -12.74 -8.15 22.85
N LEU C 152 -12.13 -7.97 21.68
CA LEU C 152 -10.93 -7.17 21.52
C LEU C 152 -11.30 -6.09 20.51
N ALA C 153 -11.30 -4.83 20.96
CA ALA C 153 -11.63 -3.70 20.08
C ALA C 153 -10.46 -2.74 20.04
N VAL C 154 -9.80 -2.67 18.89
CA VAL C 154 -8.64 -1.79 18.76
C VAL C 154 -8.64 -0.99 17.48
N SER C 155 -8.21 0.27 17.56
CA SER C 155 -8.08 1.11 16.39
C SER C 155 -6.60 1.04 16.04
N GLU C 156 -6.32 0.73 14.78
CA GLU C 156 -4.95 0.55 14.32
C GLU C 156 -4.70 1.26 12.98
N SER C 157 -3.48 1.72 12.76
CA SER C 157 -3.17 2.40 11.49
C SER C 157 -3.18 1.39 10.34
N VAL C 158 -3.77 1.78 9.21
CA VAL C 158 -3.85 0.90 8.05
C VAL C 158 -3.64 1.63 6.72
N TRP C 159 -3.36 0.85 5.67
CA TRP C 159 -3.21 1.40 4.32
C TRP C 159 -4.60 1.21 3.67
N PHE C 160 -5.08 2.21 2.93
CA PHE C 160 -6.37 2.09 2.27
C PHE C 160 -6.26 1.42 0.91
N THR C 161 -5.04 1.36 0.39
CA THR C 161 -4.81 0.75 -0.92
C THR C 161 -3.58 -0.15 -0.93
N ASP C 162 -3.36 -0.81 -2.06
CA ASP C 162 -2.21 -1.70 -2.20
C ASP C 162 -0.94 -0.95 -2.60
N GLN C 163 -1.10 0.22 -3.23
CA GLN C 163 0.04 1.05 -3.67
C GLN C 163 -0.02 2.43 -3.01
N ARG C 164 1.13 3.02 -2.69
CA ARG C 164 1.15 4.37 -2.10
C ARG C 164 2.46 5.11 -2.40
N PRO C 165 2.41 6.45 -2.42
CA PRO C 165 3.58 7.27 -2.68
C PRO C 165 4.72 6.90 -1.73
N ALA C 166 5.96 7.00 -2.23
CA ALA C 166 7.13 6.67 -1.45
C ALA C 166 7.22 7.49 -0.17
N GLU C 167 6.99 8.80 -0.27
CA GLU C 167 7.08 9.68 0.89
C GLU C 167 6.24 9.21 2.10
N ILE C 168 4.99 8.86 1.88
CA ILE C 168 4.15 8.42 3.00
C ILE C 168 4.58 7.04 3.45
N HIS C 169 4.97 6.20 2.50
CA HIS C 169 5.41 4.85 2.83
C HIS C 169 6.70 4.85 3.67
N ASP C 170 7.67 5.69 3.31
CA ASP C 170 8.91 5.76 4.04
C ASP C 170 8.66 6.31 5.42
N PHE C 171 7.74 7.27 5.51
CA PHE C 171 7.41 7.85 6.80
C PHE C 171 6.93 6.75 7.73
N TRP C 172 6.00 5.92 7.27
CA TRP C 172 5.50 4.86 8.15
C TRP C 172 6.52 3.82 8.54
N MET C 173 7.47 3.52 7.66
CA MET C 173 8.49 2.53 8.00
C MET C 173 9.37 3.03 9.14
N SER C 174 9.35 4.33 9.44
CA SER C 174 10.14 4.86 10.54
C SER C 174 9.33 5.12 11.81
N ALA C 175 8.01 4.98 11.71
CA ALA C 175 7.14 5.20 12.86
C ALA C 175 6.52 3.90 13.37
N TYR C 176 6.09 3.06 12.43
CA TYR C 176 5.45 1.80 12.76
C TYR C 176 5.56 0.85 11.55
N THR C 177 6.51 -0.07 11.61
CA THR C 177 6.73 -1.02 10.51
C THR C 177 5.57 -1.96 10.22
N GLU C 178 4.61 -2.06 11.14
CA GLU C 178 3.51 -2.99 10.95
C GLU C 178 2.21 -2.44 10.40
N ILE C 179 2.23 -1.26 9.78
CA ILE C 179 1.00 -0.72 9.22
C ILE C 179 0.69 -1.66 8.04
N ASP C 180 -0.57 -2.00 7.84
CA ASP C 180 -0.93 -2.91 6.76
C ASP C 180 -2.30 -2.54 6.17
N THR C 181 -2.77 -3.32 5.19
CA THR C 181 -4.08 -3.08 4.55
C THR C 181 -5.20 -3.72 5.40
N VAL C 182 -6.40 -3.19 5.29
CA VAL C 182 -7.52 -3.73 6.06
C VAL C 182 -7.68 -5.23 5.83
N PRO C 183 -7.54 -5.68 4.57
CA PRO C 183 -7.67 -7.10 4.29
C PRO C 183 -6.64 -7.95 5.08
N ASN C 184 -5.36 -7.59 5.00
CA ASN C 184 -4.35 -8.34 5.74
C ASN C 184 -4.59 -8.29 7.24
N LYS C 185 -4.96 -7.12 7.78
CA LYS C 185 -5.28 -7.01 9.19
C LYS C 185 -6.42 -8.01 9.56
N VAL C 186 -7.46 -8.07 8.74
CA VAL C 186 -8.57 -8.98 9.02
C VAL C 186 -8.12 -10.43 8.95
N ALA C 187 -7.27 -10.75 7.97
CA ALA C 187 -6.77 -12.11 7.84
C ALA C 187 -5.97 -12.48 9.09
N GLN C 188 -5.15 -11.55 9.57
CA GLN C 188 -4.33 -11.80 10.75
C GLN C 188 -5.18 -12.01 11.99
N ILE C 189 -6.30 -11.30 12.07
CA ILE C 189 -7.22 -11.44 13.20
C ILE C 189 -7.79 -12.86 13.23
N GLN C 190 -8.25 -13.32 12.06
CA GLN C 190 -8.82 -14.66 11.90
C GLN C 190 -7.75 -15.72 12.18
N LYS C 191 -6.52 -15.47 11.72
CA LYS C 191 -5.42 -16.40 11.93
C LYS C 191 -5.07 -16.52 13.41
N ALA C 192 -5.23 -15.43 14.15
CA ALA C 192 -4.92 -15.40 15.57
C ALA C 192 -6.00 -16.06 16.41
N GLY C 193 -7.02 -16.61 15.76
CA GLY C 193 -8.10 -17.27 16.49
C GLY C 193 -9.23 -16.39 17.01
N TYR C 194 -9.62 -15.39 16.21
CA TYR C 194 -10.69 -14.48 16.56
C TYR C 194 -11.68 -14.46 15.41
N ILE C 195 -12.88 -14.01 15.70
CA ILE C 195 -13.93 -13.88 14.68
C ILE C 195 -14.03 -12.39 14.40
N PRO C 196 -13.66 -11.95 13.18
CA PRO C 196 -13.73 -10.53 12.84
C PRO C 196 -15.17 -10.01 12.79
N VAL C 197 -15.70 -9.64 13.95
CA VAL C 197 -17.07 -9.14 14.08
C VAL C 197 -17.34 -7.82 13.36
N ALA C 198 -16.47 -6.82 13.56
CA ALA C 198 -16.67 -5.53 12.92
C ALA C 198 -15.35 -4.84 12.57
N THR C 199 -15.36 -4.14 11.44
CA THR C 199 -14.19 -3.42 10.96
C THR C 199 -14.67 -2.13 10.30
N PHE C 200 -14.20 -0.98 10.78
CA PHE C 200 -14.57 0.28 10.13
C PHE C 200 -13.49 1.33 10.18
N ILE C 201 -13.35 2.04 9.05
CA ILE C 201 -12.37 3.10 8.88
C ILE C 201 -12.89 4.35 9.62
N LEU C 202 -11.99 5.06 10.29
CA LEU C 202 -12.38 6.27 11.02
C LEU C 202 -12.46 7.47 10.07
N PRO C 203 -13.46 8.36 10.29
CA PRO C 203 -13.61 9.53 9.42
C PRO C 203 -12.39 10.43 9.60
N GLU C 204 -12.18 11.33 8.64
CA GLU C 204 -11.03 12.22 8.72
C GLU C 204 -11.07 13.20 9.90
N ASN C 205 -12.25 13.54 10.40
CA ASN C 205 -12.32 14.49 11.51
C ASN C 205 -11.72 13.93 12.80
N CYS C 206 -11.58 12.61 12.88
CA CYS C 206 -10.96 12.00 14.05
C CYS C 206 -9.49 12.47 14.09
N TRP C 207 -8.92 12.70 12.89
CA TRP C 207 -7.53 13.17 12.75
C TRP C 207 -7.40 14.69 12.79
N ILE C 208 -8.22 15.39 12.02
CA ILE C 208 -8.13 16.85 11.98
C ILE C 208 -8.77 17.50 13.21
N GLU C 209 -10.10 17.54 13.22
CA GLU C 209 -10.84 18.15 14.32
C GLU C 209 -10.52 17.63 15.72
N HIS C 210 -10.41 16.33 15.88
CA HIS C 210 -10.18 15.76 17.21
C HIS C 210 -8.75 15.50 17.65
N TYR C 211 -7.81 15.53 16.72
CA TYR C 211 -6.42 15.26 17.04
C TYR C 211 -5.44 16.39 16.73
N PHE C 212 -5.17 16.64 15.46
CA PHE C 212 -4.25 17.70 15.05
C PHE C 212 -4.68 19.11 15.48
N ALA C 213 -5.91 19.47 15.11
CA ALA C 213 -6.45 20.79 15.42
C ALA C 213 -6.28 21.21 16.88
N PRO C 214 -6.58 20.30 17.82
CA PRO C 214 -6.43 20.66 19.23
C PRO C 214 -4.98 20.81 19.68
N GLN C 215 -4.05 20.25 18.91
CA GLN C 215 -2.63 20.34 19.27
C GLN C 215 -2.08 21.74 19.04
N ALA C 216 -2.78 22.54 18.26
CA ALA C 216 -2.35 23.91 17.96
C ALA C 216 -2.31 24.81 19.20
N LYS C 217 -3.44 24.89 19.88
CA LYS C 217 -3.59 25.72 21.09
C LYS C 217 -2.66 25.26 22.21
N ALA C 218 -2.27 24.00 22.15
CA ALA C 218 -1.38 23.44 23.17
C ALA C 218 0.07 23.74 22.86
N GLU C 219 0.38 24.01 21.60
CA GLU C 219 1.76 24.31 21.21
C GLU C 219 2.19 25.70 21.68
N GLU C 220 1.33 26.68 21.45
CA GLU C 220 1.63 28.05 21.81
C GLU C 220 1.95 28.16 23.29
N ILE C 221 1.02 27.72 24.12
CA ILE C 221 1.17 27.75 25.58
C ILE C 221 2.35 26.91 26.06
N PHE C 222 2.51 25.73 25.47
CA PHE C 222 3.59 24.84 25.85
C PHE C 222 4.97 25.45 25.57
N ARG C 223 5.17 25.90 24.33
CA ARG C 223 6.45 26.46 23.92
C ARG C 223 6.98 27.58 24.81
N ARG C 224 6.10 28.50 25.19
CA ARG C 224 6.50 29.61 26.04
C ARG C 224 6.90 29.13 27.43
N LYS C 225 6.16 28.15 27.94
CA LYS C 225 6.41 27.57 29.24
C LYS C 225 7.78 26.87 29.28
N HIS C 226 8.14 26.18 28.19
CA HIS C 226 9.42 25.49 28.13
C HIS C 226 10.37 26.16 27.13
N ALA C 227 10.39 27.48 27.15
CA ALA C 227 11.22 28.28 26.25
C ALA C 227 12.65 27.78 26.12
N GLY C 228 13.10 27.62 24.87
CA GLY C 228 14.46 27.20 24.63
C GLY C 228 14.71 25.70 24.70
N SER C 229 13.70 24.94 25.10
CA SER C 229 13.84 23.50 25.20
C SER C 229 13.97 22.87 23.80
N ARG C 230 15.07 22.18 23.56
CA ARG C 230 15.31 21.51 22.29
C ARG C 230 14.18 20.50 22.05
N ILE C 231 13.99 19.61 23.03
CA ILE C 231 12.96 18.57 22.96
C ILE C 231 11.62 19.19 22.53
N VAL C 232 11.13 20.13 23.32
CA VAL C 232 9.87 20.80 23.04
C VAL C 232 9.77 21.27 21.59
N GLU C 233 10.79 22.02 21.16
CA GLU C 233 10.79 22.55 19.80
C GLU C 233 10.65 21.46 18.74
N GLU C 234 11.43 20.38 18.87
CA GLU C 234 11.36 19.28 17.90
C GLU C 234 10.00 18.58 17.94
N LEU C 235 9.39 18.53 19.11
CA LEU C 235 8.08 17.92 19.26
C LEU C 235 7.09 18.68 18.39
N ILE C 236 7.25 19.99 18.31
CA ILE C 236 6.34 20.82 17.53
C ILE C 236 6.58 20.68 16.04
N THR C 237 7.86 20.60 15.66
CA THR C 237 8.21 20.42 14.27
C THR C 237 7.66 19.05 13.85
N SER C 238 7.70 18.10 14.78
CA SER C 238 7.24 16.76 14.48
C SER C 238 5.71 16.67 14.29
N ASN C 239 4.95 17.32 15.18
CA ASN C 239 3.50 17.32 15.07
C ASN C 239 3.09 17.95 13.75
N HIS C 240 3.75 19.05 13.39
CA HIS C 240 3.45 19.76 12.15
C HIS C 240 3.74 18.93 10.92
N HIS C 241 4.83 18.17 10.96
CA HIS C 241 5.20 17.32 9.84
C HIS C 241 4.13 16.24 9.65
N GLU C 242 3.67 15.65 10.76
CA GLU C 242 2.67 14.60 10.67
C GLU C 242 1.36 15.14 10.12
N ALA C 243 0.97 16.32 10.59
CA ALA C 243 -0.26 16.96 10.13
C ALA C 243 -0.17 17.24 8.63
N GLU C 244 0.99 17.73 8.20
CA GLU C 244 1.23 18.06 6.80
C GLU C 244 1.12 16.80 5.94
N LEU C 245 1.72 15.71 6.41
CA LEU C 245 1.68 14.45 5.67
C LEU C 245 0.26 13.90 5.54
N TYR C 246 -0.53 14.03 6.61
CA TYR C 246 -1.90 13.52 6.59
C TYR C 246 -2.79 14.27 5.61
N SER C 247 -2.71 15.60 5.61
CA SER C 247 -3.53 16.38 4.70
C SER C 247 -3.13 16.16 3.25
N LYS C 248 -1.93 15.59 3.04
CA LYS C 248 -1.45 15.32 1.70
C LYS C 248 -1.69 13.88 1.25
N TYR C 249 -1.66 12.93 2.17
CA TYR C 249 -1.85 11.51 1.80
C TYR C 249 -3.02 10.80 2.49
N LYS C 250 -3.91 11.56 3.11
CA LYS C 250 -5.06 11.03 3.83
C LYS C 250 -5.84 9.99 3.02
N ALA C 251 -5.81 10.08 1.70
CA ALA C 251 -6.54 9.14 0.87
C ALA C 251 -5.84 7.78 0.76
N TYR C 252 -4.62 7.70 1.30
CA TYR C 252 -3.86 6.46 1.22
C TYR C 252 -3.70 5.75 2.55
N TYR C 253 -4.09 6.41 3.65
CA TYR C 253 -3.98 5.79 4.96
C TYR C 253 -4.82 6.48 6.01
N GLY C 254 -5.04 5.77 7.12
CA GLY C 254 -5.80 6.30 8.23
C GLY C 254 -5.80 5.31 9.39
N TYR C 255 -6.91 5.28 10.11
CA TYR C 255 -7.10 4.38 11.24
C TYR C 255 -8.37 3.58 10.96
N ALA C 256 -8.41 2.35 11.47
CA ALA C 256 -9.57 1.50 11.29
C ALA C 256 -9.77 0.82 12.63
N PHE C 257 -11.04 0.60 12.98
CA PHE C 257 -11.37 -0.03 14.26
C PHE C 257 -11.66 -1.47 13.95
N PHE C 258 -11.16 -2.36 14.80
CA PHE C 258 -11.36 -3.78 14.62
C PHE C 258 -11.95 -4.35 15.90
N ILE C 259 -13.16 -4.90 15.82
CA ILE C 259 -13.78 -5.52 16.97
C ILE C 259 -13.71 -7.03 16.65
N CYS C 260 -13.11 -7.79 17.54
CA CYS C 260 -12.91 -9.22 17.32
C CYS C 260 -13.32 -10.07 18.51
N LYS C 261 -13.99 -11.19 18.22
CA LYS C 261 -14.40 -12.07 19.30
C LYS C 261 -13.55 -13.32 19.36
N LYS C 262 -13.01 -13.59 20.54
CA LYS C 262 -12.18 -14.76 20.78
C LYS C 262 -12.98 -16.05 20.65
N GLY C 263 -12.63 -16.90 19.70
CA GLY C 263 -13.33 -18.17 19.59
C GLY C 263 -12.76 -19.27 20.46
N PHE C 264 -12.64 -20.48 19.90
CA PHE C 264 -12.08 -21.63 20.62
C PHE C 264 -10.99 -22.32 19.85
N ASN D 20 -40.55 -22.82 -8.55
CA ASN D 20 -40.90 -21.36 -8.53
C ASN D 20 -41.90 -21.00 -7.43
N LEU D 21 -42.67 -21.99 -6.99
CA LEU D 21 -43.67 -21.80 -5.95
C LEU D 21 -43.05 -21.23 -4.66
N ILE D 22 -41.75 -21.46 -4.51
CA ILE D 22 -41.00 -21.00 -3.34
C ILE D 22 -41.20 -19.51 -3.05
N CYS D 23 -41.38 -18.71 -4.09
CA CYS D 23 -41.56 -17.27 -3.89
C CYS D 23 -42.94 -16.94 -3.31
N ASP D 24 -43.97 -17.61 -3.82
CA ASP D 24 -45.31 -17.40 -3.31
C ASP D 24 -45.32 -17.62 -1.79
N PHE D 25 -44.49 -18.57 -1.34
CA PHE D 25 -44.36 -18.86 0.09
C PHE D 25 -43.89 -17.62 0.84
N PHE D 26 -42.78 -17.05 0.37
CA PHE D 26 -42.21 -15.87 1.00
C PHE D 26 -43.04 -14.61 0.80
N LEU D 27 -43.98 -14.67 -0.14
CA LEU D 27 -44.83 -13.52 -0.40
C LEU D 27 -45.48 -13.06 0.89
N ASN D 28 -45.62 -14.00 1.84
CA ASN D 28 -46.22 -13.72 3.14
C ASN D 28 -45.25 -13.48 4.29
N THR D 29 -44.09 -12.89 4.02
CA THR D 29 -43.11 -12.61 5.08
C THR D 29 -42.66 -11.17 4.99
N GLU D 30 -42.10 -10.64 6.07
CA GLU D 30 -41.63 -9.27 6.06
C GLU D 30 -40.25 -9.18 5.40
N ARG D 31 -39.44 -10.23 5.58
CA ARG D 31 -38.09 -10.26 5.01
C ARG D 31 -37.90 -11.63 4.38
N GLN D 32 -37.18 -11.66 3.26
CA GLN D 32 -36.93 -12.92 2.58
C GLN D 32 -35.48 -13.37 2.77
N GLY D 33 -34.83 -12.84 3.81
CA GLY D 33 -33.46 -13.19 4.11
C GLY D 33 -33.10 -12.63 5.49
N PRO D 34 -31.94 -12.99 6.07
CA PRO D 34 -31.55 -12.47 7.38
C PRO D 34 -31.42 -10.95 7.41
N GLY D 35 -31.82 -10.36 8.52
CA GLY D 35 -31.73 -8.92 8.64
C GLY D 35 -32.63 -8.39 9.74
N SER D 36 -32.64 -7.07 9.89
CA SER D 36 -33.45 -6.42 10.89
C SER D 36 -33.35 -4.94 10.63
N PRO D 37 -34.26 -4.16 11.21
CA PRO D 37 -34.25 -2.70 11.04
C PRO D 37 -32.92 -2.10 11.53
N GLU D 38 -32.47 -2.60 12.68
CA GLU D 38 -31.22 -2.16 13.30
C GLU D 38 -29.98 -2.37 12.42
N VAL D 39 -29.90 -3.52 11.75
CA VAL D 39 -28.77 -3.86 10.89
C VAL D 39 -28.74 -2.96 9.66
N THR D 40 -29.90 -2.78 9.05
CA THR D 40 -30.02 -1.92 7.88
C THR D 40 -29.52 -0.53 8.27
N LEU D 41 -29.95 -0.04 9.42
CA LEU D 41 -29.56 1.30 9.88
C LEU D 41 -28.10 1.37 10.33
N LYS D 42 -27.55 0.25 10.79
CA LYS D 42 -26.16 0.27 11.21
C LYS D 42 -25.32 0.40 9.95
N ALA D 43 -25.73 -0.30 8.88
CA ALA D 43 -25.02 -0.25 7.62
C ALA D 43 -25.06 1.15 7.04
N LEU D 44 -26.24 1.75 7.13
CA LEU D 44 -26.48 3.09 6.65
C LEU D 44 -25.57 4.10 7.34
N SER D 45 -25.34 3.90 8.63
CA SER D 45 -24.50 4.81 9.41
C SER D 45 -23.11 5.02 8.83
N PHE D 46 -22.68 4.15 7.93
CA PHE D 46 -21.36 4.26 7.30
C PHE D 46 -21.40 4.92 5.92
N ILE D 47 -22.55 5.50 5.57
CA ILE D 47 -22.70 6.16 4.28
C ILE D 47 -22.92 7.65 4.59
N ASP D 48 -21.98 8.48 4.17
CA ASP D 48 -22.03 9.92 4.44
C ASP D 48 -21.87 10.80 3.22
N ASN D 49 -22.80 10.70 2.29
CA ASN D 49 -22.74 11.51 1.09
C ASN D 49 -24.10 11.58 0.44
N LEU D 50 -25.12 11.13 1.18
CA LEU D 50 -26.47 11.14 0.64
C LEU D 50 -27.11 12.51 0.83
N THR D 51 -28.01 12.86 -0.09
CA THR D 51 -28.75 14.13 -0.09
C THR D 51 -30.07 13.77 -0.76
N ASN D 52 -30.99 14.71 -0.87
CA ASN D 52 -32.26 14.42 -1.51
C ASN D 52 -32.10 14.18 -3.02
N LYS D 53 -30.96 14.57 -3.57
CA LYS D 53 -30.69 14.36 -4.99
C LYS D 53 -29.94 13.06 -5.31
N SER D 54 -29.64 12.28 -4.26
CA SER D 54 -28.91 11.02 -4.46
C SER D 54 -29.77 9.95 -5.15
N LEU D 55 -29.13 9.15 -6.01
CA LEU D 55 -29.82 8.08 -6.70
C LEU D 55 -29.41 6.77 -6.03
N ILE D 56 -30.39 6.01 -5.56
CA ILE D 56 -30.14 4.74 -4.88
C ILE D 56 -30.88 3.57 -5.52
N ALA D 57 -30.26 2.40 -5.50
CA ALA D 57 -30.87 1.20 -6.05
C ALA D 57 -30.74 0.04 -5.09
N ASP D 58 -31.84 -0.70 -4.92
CA ASP D 58 -31.82 -1.87 -4.05
C ASP D 58 -32.02 -3.09 -4.94
N LEU D 59 -30.97 -3.86 -5.13
CA LEU D 59 -31.01 -5.05 -5.98
C LEU D 59 -31.42 -6.31 -5.23
N GLY D 60 -32.39 -7.03 -5.79
CA GLY D 60 -32.89 -8.24 -5.14
C GLY D 60 -33.63 -7.79 -3.89
N CYS D 61 -34.38 -6.70 -4.02
CA CYS D 61 -35.11 -6.13 -2.91
C CYS D 61 -36.21 -6.97 -2.26
N GLY D 62 -36.67 -8.03 -2.93
CA GLY D 62 -37.73 -8.84 -2.36
C GLY D 62 -38.97 -7.96 -2.19
N THR D 63 -39.69 -8.11 -1.08
CA THR D 63 -40.89 -7.30 -0.83
C THR D 63 -40.57 -5.89 -0.34
N GLY D 64 -39.29 -5.62 -0.11
CA GLY D 64 -38.90 -4.28 0.30
C GLY D 64 -38.86 -3.95 1.78
N GLY D 65 -38.79 -4.97 2.63
CA GLY D 65 -38.75 -4.70 4.06
C GLY D 65 -37.61 -3.78 4.41
N GLN D 66 -36.40 -4.10 3.93
CA GLN D 66 -35.23 -3.27 4.22
C GLN D 66 -35.30 -1.96 3.45
N THR D 67 -35.86 -2.01 2.25
CA THR D 67 -35.97 -0.81 1.42
C THR D 67 -36.85 0.29 2.06
N MET D 68 -37.95 -0.09 2.70
CA MET D 68 -38.82 0.88 3.32
C MET D 68 -38.14 1.51 4.54
N ILE D 69 -37.43 0.67 5.31
CA ILE D 69 -36.69 1.11 6.50
C ILE D 69 -35.60 2.10 6.07
N LEU D 70 -34.91 1.75 4.98
CA LEU D 70 -33.84 2.57 4.42
C LEU D 70 -34.43 3.88 3.90
N ALA D 71 -35.60 3.78 3.28
CA ALA D 71 -36.28 4.95 2.72
C ALA D 71 -36.72 5.94 3.80
N GLN D 72 -37.03 5.42 4.99
CA GLN D 72 -37.49 6.29 6.07
C GLN D 72 -36.37 6.93 6.89
N HIS D 73 -35.14 6.89 6.37
CA HIS D 73 -34.03 7.51 7.07
C HIS D 73 -33.03 8.17 6.15
N VAL D 74 -33.24 8.08 4.85
CA VAL D 74 -32.32 8.71 3.92
C VAL D 74 -33.10 9.44 2.85
N PRO D 75 -32.58 10.58 2.39
CA PRO D 75 -33.26 11.35 1.35
C PRO D 75 -32.86 10.80 -0.02
N GLY D 76 -33.54 11.25 -1.07
CA GLY D 76 -33.21 10.77 -2.40
C GLY D 76 -34.23 9.76 -2.86
N LYS D 77 -34.09 9.32 -4.11
CA LYS D 77 -35.01 8.36 -4.69
C LYS D 77 -34.42 6.96 -4.65
N ILE D 78 -35.27 5.98 -4.38
CA ILE D 78 -34.84 4.60 -4.31
C ILE D 78 -35.60 3.75 -5.32
N THR D 79 -34.85 2.91 -6.03
CA THR D 79 -35.41 2.01 -7.02
C THR D 79 -35.13 0.59 -6.57
N GLY D 80 -36.20 -0.17 -6.35
CA GLY D 80 -36.05 -1.55 -5.94
C GLY D 80 -36.19 -2.38 -7.20
N ILE D 81 -35.33 -3.37 -7.37
CA ILE D 81 -35.38 -4.23 -8.53
C ILE D 81 -35.42 -5.67 -8.06
N ASP D 82 -36.34 -6.46 -8.60
CA ASP D 82 -36.42 -7.88 -8.25
C ASP D 82 -36.93 -8.70 -9.43
N PHE D 83 -36.47 -9.94 -9.52
CA PHE D 83 -36.80 -10.85 -10.60
C PHE D 83 -38.23 -11.44 -10.53
N PHE D 84 -38.84 -11.35 -9.36
CA PHE D 84 -40.18 -11.92 -9.15
C PHE D 84 -41.25 -10.83 -8.97
N PRO D 85 -42.17 -10.71 -9.94
CA PRO D 85 -43.27 -9.74 -9.95
C PRO D 85 -44.06 -9.69 -8.66
N GLY D 86 -44.37 -10.85 -8.11
CA GLY D 86 -45.13 -10.90 -6.87
C GLY D 86 -44.50 -10.06 -5.79
N PHE D 87 -43.17 -10.13 -5.66
CA PHE D 87 -42.46 -9.33 -4.64
C PHE D 87 -42.57 -7.85 -4.97
N ILE D 88 -42.38 -7.52 -6.25
CA ILE D 88 -42.46 -6.14 -6.68
C ILE D 88 -43.85 -5.56 -6.47
N GLU D 89 -44.88 -6.34 -6.79
CA GLU D 89 -46.26 -5.89 -6.59
C GLU D 89 -46.44 -5.61 -5.11
N ARG D 90 -45.94 -6.54 -4.29
CA ARG D 90 -46.02 -6.40 -2.83
C ARG D 90 -45.17 -5.22 -2.37
N PHE D 91 -44.00 -5.06 -3.00
CA PHE D 91 -43.09 -3.96 -2.69
C PHE D 91 -43.79 -2.62 -2.95
N ASN D 92 -44.35 -2.46 -4.16
CA ASN D 92 -45.05 -1.22 -4.53
C ASN D 92 -46.28 -0.98 -3.63
N LYS D 93 -47.02 -2.05 -3.31
CA LYS D 93 -48.19 -1.93 -2.44
C LYS D 93 -47.78 -1.40 -1.07
N ASN D 94 -46.78 -2.02 -0.45
CA ASN D 94 -46.31 -1.56 0.86
C ASN D 94 -45.79 -0.12 0.81
N ALA D 95 -45.13 0.26 -0.28
CA ALA D 95 -44.62 1.63 -0.39
C ALA D 95 -45.78 2.64 -0.42
N GLU D 96 -46.88 2.26 -1.05
CA GLU D 96 -48.07 3.10 -1.16
C GLU D 96 -48.73 3.32 0.21
N LYS D 97 -48.80 2.25 0.99
CA LYS D 97 -49.38 2.33 2.33
C LYS D 97 -48.60 3.23 3.29
N LEU D 98 -47.34 3.51 2.94
CA LEU D 98 -46.48 4.36 3.78
C LEU D 98 -46.24 5.70 3.09
N ASN D 99 -47.00 5.94 2.01
CA ASN D 99 -46.86 7.17 1.24
C ASN D 99 -45.42 7.48 0.84
N LEU D 100 -44.74 6.46 0.30
CA LEU D 100 -43.36 6.61 -0.13
C LEU D 100 -43.23 6.40 -1.64
N GLN D 101 -44.33 6.03 -2.30
CA GLN D 101 -44.32 5.74 -3.74
C GLN D 101 -43.77 6.81 -4.68
N ASN D 102 -43.66 8.06 -4.22
CA ASN D 102 -43.15 9.11 -5.10
C ASN D 102 -41.63 9.21 -5.06
N ARG D 103 -41.00 8.41 -4.21
CA ARG D 103 -39.54 8.42 -4.11
C ARG D 103 -38.98 7.02 -3.93
N VAL D 104 -39.87 6.02 -4.02
CA VAL D 104 -39.48 4.61 -3.88
C VAL D 104 -40.35 3.80 -4.85
N LYS D 105 -39.73 3.25 -5.89
CA LYS D 105 -40.49 2.47 -6.86
C LYS D 105 -39.89 1.07 -7.03
N GLY D 106 -40.75 0.10 -7.25
CA GLY D 106 -40.29 -1.27 -7.42
C GLY D 106 -40.45 -1.65 -8.87
N ILE D 107 -39.46 -2.37 -9.41
CA ILE D 107 -39.48 -2.77 -10.81
C ILE D 107 -39.00 -4.21 -11.01
N VAL D 108 -39.63 -4.92 -11.94
CA VAL D 108 -39.22 -6.27 -12.23
C VAL D 108 -37.97 -6.19 -13.14
N GLY D 109 -36.88 -6.79 -12.67
CA GLY D 109 -35.65 -6.77 -13.44
C GLY D 109 -34.61 -7.75 -12.92
N SER D 110 -33.53 -7.92 -13.68
CA SER D 110 -32.46 -8.84 -13.29
C SER D 110 -31.20 -8.04 -12.99
N MET D 111 -30.56 -8.35 -11.88
CA MET D 111 -29.36 -7.65 -11.46
C MET D 111 -28.18 -7.94 -12.39
N ASP D 112 -28.29 -9.01 -13.17
CA ASP D 112 -27.22 -9.33 -14.11
C ASP D 112 -27.51 -8.70 -15.46
N ASP D 113 -28.48 -7.79 -15.50
CA ASP D 113 -28.86 -7.12 -16.74
C ASP D 113 -29.58 -5.80 -16.45
N LEU D 114 -28.81 -4.83 -15.97
CA LEU D 114 -29.36 -3.53 -15.62
C LEU D 114 -29.14 -2.51 -16.72
N SER D 115 -29.91 -1.42 -16.69
CA SER D 115 -29.78 -0.40 -17.71
C SER D 115 -29.54 1.00 -17.13
N PHE D 116 -29.07 1.06 -15.89
CA PHE D 116 -28.74 2.34 -15.25
C PHE D 116 -27.64 3.02 -16.08
N GLU D 117 -27.60 4.34 -16.09
CA GLU D 117 -26.56 5.03 -16.84
C GLU D 117 -25.26 4.78 -16.08
N LYS D 118 -24.16 4.71 -16.80
CA LYS D 118 -22.88 4.48 -16.15
C LYS D 118 -22.52 5.55 -15.13
N ASP D 119 -22.02 5.13 -13.98
CA ASP D 119 -21.61 6.05 -12.91
C ASP D 119 -22.66 7.09 -12.59
N SER D 120 -23.92 6.68 -12.49
CA SER D 120 -24.99 7.61 -12.19
C SER D 120 -25.55 7.43 -10.79
N LEU D 121 -25.18 6.33 -10.13
CA LEU D 121 -25.68 6.03 -8.79
C LEU D 121 -24.76 6.35 -7.63
N ASP D 122 -25.36 6.82 -6.55
CA ASP D 122 -24.66 7.18 -5.33
C ASP D 122 -24.58 5.98 -4.39
N LEU D 123 -25.56 5.09 -4.52
CA LEU D 123 -25.64 3.94 -3.64
C LEU D 123 -26.41 2.74 -4.21
N ILE D 124 -25.76 1.58 -4.12
CA ILE D 124 -26.37 0.34 -4.57
C ILE D 124 -26.47 -0.52 -3.33
N TRP D 125 -27.70 -0.83 -2.94
CA TRP D 125 -28.02 -1.63 -1.76
C TRP D 125 -28.40 -3.03 -2.19
N SER D 126 -28.13 -4.02 -1.36
CA SER D 126 -28.48 -5.39 -1.71
C SER D 126 -28.29 -6.33 -0.53
N GLU D 127 -29.40 -6.70 0.10
CA GLU D 127 -29.34 -7.58 1.24
C GLU D 127 -29.76 -8.99 0.86
N GLY D 128 -28.91 -9.95 1.19
CA GLY D 128 -29.17 -11.35 0.92
C GLY D 128 -29.50 -11.70 -0.52
N ALA D 129 -28.84 -11.07 -1.48
CA ALA D 129 -29.13 -11.36 -2.88
C ALA D 129 -27.96 -11.32 -3.88
N ILE D 130 -26.81 -10.79 -3.49
CA ILE D 130 -25.73 -10.74 -4.46
C ILE D 130 -25.23 -12.15 -4.84
N TYR D 131 -25.61 -13.14 -4.05
CA TYR D 131 -25.19 -14.51 -4.33
C TYR D 131 -25.82 -15.03 -5.61
N ASN D 132 -26.85 -14.35 -6.09
CA ASN D 132 -27.54 -14.80 -7.30
C ASN D 132 -26.72 -14.51 -8.54
N ILE D 133 -25.82 -13.55 -8.46
CA ILE D 133 -24.99 -13.19 -9.61
C ILE D 133 -23.53 -13.51 -9.32
N GLY D 134 -23.22 -13.66 -8.04
CA GLY D 134 -21.87 -13.94 -7.62
C GLY D 134 -21.28 -12.70 -6.96
N PHE D 135 -20.65 -12.88 -5.79
CA PHE D 135 -20.06 -11.78 -5.04
C PHE D 135 -19.03 -10.99 -5.87
N GLU D 136 -18.00 -11.69 -6.34
CA GLU D 136 -16.95 -11.05 -7.14
C GLU D 136 -17.48 -10.49 -8.46
N ARG D 137 -18.43 -11.19 -9.06
CA ARG D 137 -18.98 -10.73 -10.32
C ARG D 137 -19.90 -9.54 -10.07
N GLY D 138 -20.56 -9.56 -8.91
CA GLY D 138 -21.43 -8.46 -8.55
C GLY D 138 -20.59 -7.22 -8.29
N LEU D 139 -19.47 -7.40 -7.62
CA LEU D 139 -18.59 -6.28 -7.34
C LEU D 139 -18.10 -5.68 -8.65
N LYS D 140 -17.63 -6.56 -9.53
CA LYS D 140 -17.12 -6.12 -10.82
C LYS D 140 -18.16 -5.39 -11.65
N GLU D 141 -19.26 -6.06 -11.97
CA GLU D 141 -20.31 -5.49 -12.80
C GLU D 141 -21.06 -4.28 -12.25
N TRP D 142 -21.37 -4.28 -10.96
CA TRP D 142 -22.10 -3.16 -10.37
C TRP D 142 -21.28 -1.90 -10.22
N ARG D 143 -19.95 -2.04 -10.26
CA ARG D 143 -19.05 -0.90 -10.14
C ARG D 143 -19.32 0.10 -11.25
N ASN D 144 -19.56 -0.42 -12.45
CA ASN D 144 -19.81 0.43 -13.62
C ASN D 144 -21.06 1.32 -13.51
N TYR D 145 -21.90 1.08 -12.49
CA TYR D 145 -23.11 1.87 -12.31
C TYR D 145 -22.97 2.91 -11.22
N LEU D 146 -21.90 2.80 -10.43
CA LEU D 146 -21.65 3.73 -9.34
C LEU D 146 -20.78 4.88 -9.78
N LYS D 147 -21.02 6.04 -9.19
CA LYS D 147 -20.20 7.19 -9.51
C LYS D 147 -18.96 7.10 -8.61
N PRO D 148 -17.87 7.77 -9.00
CA PRO D 148 -16.69 7.67 -8.14
C PRO D 148 -17.05 8.09 -6.70
N GLY D 149 -16.57 7.34 -5.72
CA GLY D 149 -16.89 7.68 -4.34
C GLY D 149 -18.24 7.10 -3.95
N GLY D 150 -18.93 6.51 -4.93
CA GLY D 150 -20.22 5.89 -4.67
C GLY D 150 -20.11 4.66 -3.78
N TYR D 151 -21.21 4.28 -3.15
CA TYR D 151 -21.21 3.14 -2.25
C TYR D 151 -22.01 1.93 -2.70
N LEU D 152 -21.53 0.77 -2.28
CA LEU D 152 -22.15 -0.51 -2.55
C LEU D 152 -22.20 -1.16 -1.18
N ALA D 153 -23.41 -1.38 -0.66
CA ALA D 153 -23.59 -2.01 0.64
C ALA D 153 -24.34 -3.33 0.42
N VAL D 154 -23.69 -4.45 0.69
CA VAL D 154 -24.32 -5.73 0.45
C VAL D 154 -24.06 -6.71 1.56
N SER D 155 -25.07 -7.50 1.90
CA SER D 155 -24.93 -8.50 2.93
C SER D 155 -24.76 -9.82 2.19
N GLU D 156 -24.02 -10.74 2.77
CA GLU D 156 -23.74 -12.04 2.14
C GLU D 156 -23.28 -13.07 3.17
N SER D 157 -23.47 -14.36 2.86
CA SER D 157 -23.07 -15.43 3.78
C SER D 157 -21.54 -15.54 3.94
N VAL D 158 -21.08 -15.73 5.17
CA VAL D 158 -19.66 -15.86 5.42
C VAL D 158 -19.31 -16.91 6.48
N TRP D 159 -18.14 -17.54 6.32
CA TRP D 159 -17.65 -18.52 7.29
C TRP D 159 -17.05 -17.68 8.41
N PHE D 160 -17.18 -18.12 9.66
CA PHE D 160 -16.62 -17.39 10.79
C PHE D 160 -15.23 -17.90 11.15
N THR D 161 -14.91 -19.11 10.71
CA THR D 161 -13.61 -19.70 11.01
C THR D 161 -13.08 -20.49 9.82
N ASP D 162 -11.82 -20.89 9.88
CA ASP D 162 -11.23 -21.67 8.80
C ASP D 162 -11.77 -23.09 8.90
N GLN D 163 -12.02 -23.53 10.13
CA GLN D 163 -12.54 -24.86 10.36
C GLN D 163 -14.06 -24.85 10.12
N THR D 177 -22.52 -21.38 -2.03
CA THR D 177 -21.70 -21.80 -3.15
C THR D 177 -20.48 -20.91 -3.24
N GLU D 178 -20.70 -19.61 -3.12
CA GLU D 178 -19.60 -18.65 -3.18
C GLU D 178 -19.30 -18.11 -1.79
N ILE D 179 -19.81 -18.82 -0.78
CA ILE D 179 -19.57 -18.43 0.59
C ILE D 179 -18.09 -18.60 0.88
N ASP D 180 -17.53 -17.63 1.60
CA ASP D 180 -16.11 -17.69 1.92
C ASP D 180 -15.91 -17.07 3.30
N THR D 181 -14.67 -16.75 3.65
CA THR D 181 -14.37 -16.15 4.95
C THR D 181 -14.49 -14.63 4.80
N VAL D 182 -14.55 -13.91 5.92
CA VAL D 182 -14.64 -12.46 5.83
C VAL D 182 -13.34 -11.90 5.24
N PRO D 183 -12.17 -12.41 5.70
CA PRO D 183 -10.91 -11.91 5.15
C PRO D 183 -10.91 -11.98 3.62
N ASN D 184 -11.25 -13.16 3.08
CA ASN D 184 -11.30 -13.32 1.62
C ASN D 184 -12.29 -12.39 0.91
N LYS D 185 -13.45 -12.15 1.52
CA LYS D 185 -14.43 -11.24 0.92
C LYS D 185 -13.88 -9.81 0.94
N VAL D 186 -13.29 -9.42 2.06
CA VAL D 186 -12.73 -8.08 2.18
C VAL D 186 -11.65 -7.91 1.13
N ALA D 187 -10.81 -8.93 0.98
CA ALA D 187 -9.74 -8.92 -0.02
C ALA D 187 -10.35 -8.82 -1.40
N GLN D 188 -11.42 -9.58 -1.64
CA GLN D 188 -12.05 -9.50 -2.95
C GLN D 188 -12.55 -8.08 -3.24
N ILE D 189 -13.14 -7.45 -2.23
CA ILE D 189 -13.67 -6.09 -2.36
C ILE D 189 -12.56 -5.12 -2.78
N GLN D 190 -11.44 -5.16 -2.07
CA GLN D 190 -10.31 -4.29 -2.39
C GLN D 190 -9.79 -4.57 -3.80
N LYS D 191 -9.69 -5.84 -4.15
CA LYS D 191 -9.20 -6.22 -5.47
C LYS D 191 -10.10 -5.71 -6.59
N ALA D 192 -11.40 -5.66 -6.33
CA ALA D 192 -12.36 -5.18 -7.32
C ALA D 192 -12.28 -3.67 -7.48
N GLY D 193 -11.40 -3.04 -6.71
CA GLY D 193 -11.24 -1.61 -6.82
C GLY D 193 -12.16 -0.78 -5.94
N TYR D 194 -12.41 -1.25 -4.73
CA TYR D 194 -13.25 -0.52 -3.77
C TYR D 194 -12.45 -0.37 -2.49
N ILE D 195 -12.94 0.45 -1.58
CA ILE D 195 -12.30 0.65 -0.29
C ILE D 195 -13.26 0.11 0.77
N PRO D 196 -12.91 -1.02 1.39
CA PRO D 196 -13.75 -1.65 2.43
C PRO D 196 -13.90 -0.74 3.65
N VAL D 197 -14.79 0.25 3.53
CA VAL D 197 -15.05 1.23 4.59
C VAL D 197 -15.58 0.61 5.89
N ALA D 198 -16.50 -0.34 5.79
CA ALA D 198 -17.06 -0.97 6.97
C ALA D 198 -17.54 -2.37 6.69
N THR D 199 -17.43 -3.23 7.69
CA THR D 199 -17.85 -4.61 7.56
C THR D 199 -18.30 -5.07 8.94
N PHE D 200 -19.38 -5.83 8.99
CA PHE D 200 -19.83 -6.35 10.27
C PHE D 200 -20.69 -7.60 10.13
N ILE D 201 -20.60 -8.46 11.15
CA ILE D 201 -21.35 -9.69 11.18
C ILE D 201 -22.75 -9.40 11.72
N LEU D 202 -23.77 -9.98 11.10
CA LEU D 202 -25.14 -9.79 11.56
C LEU D 202 -25.41 -10.60 12.81
N PRO D 203 -26.12 -10.00 13.78
CA PRO D 203 -26.47 -10.67 15.04
C PRO D 203 -27.39 -11.86 14.72
N GLU D 204 -27.37 -12.89 15.56
CA GLU D 204 -28.20 -14.06 15.31
C GLU D 204 -29.70 -13.76 15.25
N ASN D 205 -30.15 -12.71 15.93
CA ASN D 205 -31.57 -12.35 15.92
C ASN D 205 -32.10 -12.02 14.54
N CYS D 206 -31.21 -11.65 13.62
CA CYS D 206 -31.63 -11.35 12.26
C CYS D 206 -32.07 -12.65 11.60
N TRP D 207 -31.52 -13.78 12.06
CA TRP D 207 -31.88 -15.07 11.50
C TRP D 207 -33.10 -15.68 12.20
N ILE D 208 -33.01 -15.79 13.53
CA ILE D 208 -34.07 -16.39 14.32
C ILE D 208 -35.36 -15.56 14.40
N GLU D 209 -35.28 -14.38 14.99
CA GLU D 209 -36.45 -13.52 15.14
C GLU D 209 -37.06 -12.90 13.88
N HIS D 210 -36.22 -12.36 13.00
CA HIS D 210 -36.73 -11.72 11.79
C HIS D 210 -36.86 -12.57 10.51
N TYR D 211 -36.19 -13.71 10.46
CA TYR D 211 -36.22 -14.54 9.26
C TYR D 211 -36.91 -15.90 9.42
N PHE D 212 -36.47 -16.71 10.37
CA PHE D 212 -37.07 -18.03 10.58
C PHE D 212 -38.40 -17.98 11.32
N ALA D 213 -38.45 -17.22 12.41
CA ALA D 213 -39.68 -17.14 13.22
C ALA D 213 -40.91 -16.67 12.42
N PRO D 214 -40.80 -15.53 11.71
CA PRO D 214 -41.97 -15.08 10.94
C PRO D 214 -42.50 -16.10 9.94
N GLN D 215 -41.70 -17.14 9.65
CA GLN D 215 -42.10 -18.15 8.69
C GLN D 215 -43.20 -19.07 9.20
N ALA D 216 -43.37 -19.15 10.52
CA ALA D 216 -44.40 -20.02 11.07
C ALA D 216 -45.74 -19.61 10.51
N LYS D 217 -46.12 -18.36 10.78
CA LYS D 217 -47.37 -17.78 10.32
C LYS D 217 -47.54 -17.95 8.80
N ALA D 218 -46.42 -17.89 8.08
CA ALA D 218 -46.43 -18.04 6.63
C ALA D 218 -46.62 -19.49 6.25
N GLU D 219 -46.02 -20.38 7.02
CA GLU D 219 -46.13 -21.81 6.77
C GLU D 219 -47.61 -22.19 6.70
N GLU D 220 -48.39 -21.61 7.61
CA GLU D 220 -49.82 -21.89 7.69
C GLU D 220 -50.55 -21.45 6.41
N ILE D 221 -50.54 -20.14 6.12
CA ILE D 221 -51.20 -19.63 4.93
C ILE D 221 -50.78 -20.39 3.66
N PHE D 222 -49.49 -20.65 3.51
CA PHE D 222 -48.99 -21.37 2.34
C PHE D 222 -49.58 -22.77 2.19
N ARG D 223 -49.65 -23.48 3.31
CA ARG D 223 -50.16 -24.84 3.33
C ARG D 223 -51.66 -24.83 3.02
N ARG D 224 -52.34 -23.83 3.58
CA ARG D 224 -53.78 -23.65 3.40
C ARG D 224 -54.05 -23.32 1.94
N LYS D 225 -53.38 -22.29 1.43
CA LYS D 225 -53.55 -21.85 0.05
C LYS D 225 -53.43 -23.00 -0.92
N HIS D 226 -52.63 -23.99 -0.53
CA HIS D 226 -52.46 -25.15 -1.36
C HIS D 226 -53.20 -26.28 -0.66
N ALA D 227 -52.99 -27.50 -1.12
CA ALA D 227 -53.67 -28.66 -0.55
C ALA D 227 -53.69 -29.73 -1.64
N GLY D 228 -52.98 -30.83 -1.40
CA GLY D 228 -52.94 -31.88 -2.39
C GLY D 228 -51.70 -31.80 -3.27
N SER D 229 -51.16 -30.59 -3.47
CA SER D 229 -49.97 -30.42 -4.30
C SER D 229 -48.78 -31.10 -3.63
N ARG D 230 -48.38 -32.25 -4.17
CA ARG D 230 -47.26 -33.00 -3.62
C ARG D 230 -46.08 -32.06 -3.34
N ILE D 231 -45.83 -31.14 -4.26
CA ILE D 231 -44.73 -30.17 -4.15
C ILE D 231 -44.60 -29.57 -2.76
N VAL D 232 -45.66 -28.92 -2.28
CA VAL D 232 -45.63 -28.28 -0.96
C VAL D 232 -44.94 -29.16 0.07
N GLU D 233 -45.15 -30.46 -0.02
CA GLU D 233 -44.53 -31.38 0.92
C GLU D 233 -43.03 -31.08 1.03
N GLU D 234 -42.32 -31.30 -0.07
CA GLU D 234 -40.89 -31.03 -0.12
C GLU D 234 -40.61 -29.59 0.33
N LEU D 235 -40.95 -28.63 -0.53
CA LEU D 235 -40.73 -27.22 -0.23
C LEU D 235 -40.53 -26.94 1.25
N ILE D 236 -41.58 -27.10 2.04
CA ILE D 236 -41.50 -26.84 3.47
C ILE D 236 -40.45 -27.71 4.16
N THR D 237 -40.48 -29.01 3.89
CA THR D 237 -39.54 -29.93 4.51
C THR D 237 -38.14 -29.33 4.56
N SER D 238 -37.75 -28.66 3.48
CA SER D 238 -36.42 -28.05 3.39
C SER D 238 -36.23 -26.88 4.34
N ASN D 239 -36.98 -25.80 4.11
CA ASN D 239 -36.88 -24.61 4.94
C ASN D 239 -36.73 -24.91 6.43
N HIS D 240 -37.35 -25.99 6.91
CA HIS D 240 -37.19 -26.33 8.32
C HIS D 240 -35.76 -26.81 8.56
N HIS D 241 -35.19 -27.45 7.54
CA HIS D 241 -33.83 -27.96 7.63
C HIS D 241 -32.93 -26.75 7.81
N GLU D 242 -33.08 -25.78 6.92
CA GLU D 242 -32.28 -24.57 6.97
C GLU D 242 -32.29 -23.97 8.37
N ALA D 243 -33.47 -23.79 8.94
CA ALA D 243 -33.58 -23.23 10.27
C ALA D 243 -32.95 -24.18 11.27
N GLU D 244 -33.11 -25.48 11.04
CA GLU D 244 -32.55 -26.50 11.93
C GLU D 244 -31.02 -26.38 11.90
N LEU D 245 -30.44 -26.41 10.71
CA LEU D 245 -29.00 -26.30 10.57
C LEU D 245 -28.42 -25.07 11.27
N TYR D 246 -29.03 -23.92 11.07
CA TYR D 246 -28.54 -22.70 11.68
C TYR D 246 -28.38 -22.81 13.18
N SER D 247 -29.38 -23.41 13.83
CA SER D 247 -29.32 -23.56 15.28
C SER D 247 -28.32 -24.64 15.68
N LYS D 248 -27.61 -25.20 14.70
CA LYS D 248 -26.63 -26.22 14.99
C LYS D 248 -25.23 -25.80 14.58
N TYR D 249 -25.15 -24.91 13.59
CA TYR D 249 -23.85 -24.45 13.11
C TYR D 249 -23.70 -22.92 13.09
N LYS D 250 -24.60 -22.22 13.77
CA LYS D 250 -24.61 -20.76 13.82
C LYS D 250 -23.27 -20.19 14.26
N ALA D 251 -22.55 -20.94 15.11
CA ALA D 251 -21.27 -20.47 15.60
C ALA D 251 -20.15 -20.53 14.56
N TYR D 252 -20.44 -21.10 13.40
CA TYR D 252 -19.44 -21.24 12.33
C TYR D 252 -19.73 -20.40 11.09
N TYR D 253 -20.97 -19.97 10.91
CA TYR D 253 -21.29 -19.19 9.72
C TYR D 253 -22.43 -18.21 10.01
N GLY D 254 -22.62 -17.26 9.09
CA GLY D 254 -23.68 -16.28 9.24
C GLY D 254 -23.70 -15.34 8.05
N TYR D 255 -24.17 -14.12 8.29
CA TYR D 255 -24.22 -13.10 7.26
C TYR D 255 -23.37 -11.93 7.70
N ALA D 256 -22.81 -11.22 6.74
CA ALA D 256 -22.00 -10.05 7.02
C ALA D 256 -22.37 -8.93 6.06
N PHE D 257 -22.36 -7.71 6.56
CA PHE D 257 -22.68 -6.57 5.74
C PHE D 257 -21.34 -5.96 5.33
N PHE D 258 -21.20 -5.64 4.06
CA PHE D 258 -19.97 -5.06 3.50
C PHE D 258 -20.27 -3.71 2.87
N ILE D 259 -19.74 -2.64 3.44
CA ILE D 259 -19.94 -1.31 2.85
C ILE D 259 -18.66 -1.01 2.08
N CYS D 260 -18.80 -0.89 0.76
CA CYS D 260 -17.67 -0.64 -0.11
C CYS D 260 -17.79 0.70 -0.82
N LYS D 261 -16.71 1.47 -0.83
CA LYS D 261 -16.70 2.78 -1.51
C LYS D 261 -15.92 2.66 -2.83
N LYS D 262 -16.56 3.04 -3.94
CA LYS D 262 -15.94 2.98 -5.26
C LYS D 262 -14.48 3.47 -5.26
N GLY D 263 -13.60 2.47 -5.22
CA GLY D 263 -12.15 2.59 -5.13
C GLY D 263 -11.27 3.66 -5.73
N PHE D 264 -10.01 3.26 -5.82
CA PHE D 264 -8.95 4.09 -6.35
C PHE D 264 -8.64 5.16 -5.31
N SER D 265 -8.16 4.71 -4.16
CA SER D 265 -7.85 5.54 -3.00
C SER D 265 -9.12 6.08 -2.34
N LEU D 266 -9.00 6.58 -1.11
CA LEU D 266 -10.16 7.11 -0.39
C LEU D 266 -10.29 8.64 -0.42
N ARG D 267 -11.23 9.13 -1.23
CA ARG D 267 -11.49 10.56 -1.34
C ARG D 267 -12.77 10.96 -0.62
#